data_4MIT
#
_entry.id   4MIT
#
_cell.length_a   49.322
_cell.length_b   211.957
_cell.length_c   49.780
_cell.angle_alpha   90.00
_cell.angle_beta   102.85
_cell.angle_gamma   90.00
#
_symmetry.space_group_name_H-M   'P 1 21 1'
#
loop_
_entity.id
_entity.type
_entity.pdbx_description
1 polymer 'Rho family GTPase'
2 polymer 'Serine/threonine protein kinase PAK, putative'
3 non-polymer "GUANOSINE-5'-TRIPHOSPHATE"
4 non-polymer 'MAGNESIUM ION'
5 water water
#
loop_
_entity_poly.entity_id
_entity_poly.type
_entity_poly.pdbx_seq_one_letter_code
_entity_poly.pdbx_strand_id
1 'polypeptide(L)'
;SNAMSEKPTSIKLVVVGDGAVGKTCLLISYSIRKFPEDYIPTVFDNYVVSLTAGTRQIQLALWDTAGLEEYDQLRPLSYS
SASIFLICFSVTSSVSYDNVITKWHPEVIHFAPKVPIILVGTKLDTRNDPAIVKRLTEQGMTVINTAKGEELKNRIKAVK
YIECSAKTSENLKTVFDEAVKTVLMN
;
A,B,C,D
2 'polypeptide(L)' SNAELIISDPTDFEQITHVELGDSGLTGFPPEWREKLIKAGLTEAEINTNEDSAKLVAASGISNDNGNRT E,F,G,H
#
loop_
_chem_comp.id
_chem_comp.type
_chem_comp.name
_chem_comp.formula
GTP non-polymer GUANOSINE-5'-TRIPHOSPHATE 'C10 H16 N5 O14 P3'
MG non-polymer 'MAGNESIUM ION' 'Mg 2'
#
# COMPACT_ATOMS: atom_id res chain seq x y z
N PRO A 8 14.30 18.81 10.68
CA PRO A 8 13.99 17.84 9.63
C PRO A 8 14.17 18.45 8.24
N THR A 9 14.66 17.64 7.30
CA THR A 9 14.97 18.09 5.94
C THR A 9 13.77 18.08 5.00
N SER A 10 13.62 19.15 4.22
CA SER A 10 12.53 19.25 3.27
C SER A 10 12.99 18.85 1.88
N ILE A 11 12.22 18.00 1.21
CA ILE A 11 12.46 17.64 -0.19
C ILE A 11 11.20 17.92 -1.01
N LYS A 12 11.35 18.64 -2.11
CA LYS A 12 10.22 18.88 -3.01
C LYS A 12 10.30 18.03 -4.26
N LEU A 13 9.35 17.12 -4.41
CA LEU A 13 9.26 16.27 -5.61
C LEU A 13 8.10 16.74 -6.49
N VAL A 14 8.35 16.89 -7.79
CA VAL A 14 7.29 17.26 -8.72
C VAL A 14 7.10 16.18 -9.80
N VAL A 15 5.87 15.73 -10.02
CA VAL A 15 5.58 14.74 -11.07
C VAL A 15 4.94 15.38 -12.29
N VAL A 16 5.43 15.05 -13.48
CA VAL A 16 4.79 15.52 -14.70
C VAL A 16 4.70 14.38 -15.71
N GLY A 17 3.88 14.56 -16.74
CA GLY A 17 3.70 13.52 -17.73
C GLY A 17 2.30 13.61 -18.29
N ASP A 18 2.08 12.90 -19.39
CA ASP A 18 0.80 12.92 -20.07
C ASP A 18 -0.36 12.59 -19.13
N GLY A 19 -1.56 13.04 -19.51
CA GLY A 19 -2.77 12.69 -18.78
C GLY A 19 -2.91 11.18 -18.73
N ALA A 20 -3.34 10.67 -17.58
CA ALA A 20 -3.66 9.25 -17.44
C ALA A 20 -2.48 8.30 -17.51
N VAL A 21 -1.26 8.80 -17.49
CA VAL A 21 -0.15 7.86 -17.42
C VAL A 21 -0.05 7.24 -16.04
N GLY A 22 -0.69 7.85 -15.05
CA GLY A 22 -0.74 7.27 -13.72
C GLY A 22 0.06 8.02 -12.64
N LYS A 23 0.20 9.32 -12.80
CA LYS A 23 0.98 10.12 -11.86
C LYS A 23 0.29 10.14 -10.49
N THR A 24 -1.01 10.38 -10.48
CA THR A 24 -1.73 10.48 -9.22
C THR A 24 -1.76 9.14 -8.50
N CYS A 25 -2.03 8.05 -9.23
CA CYS A 25 -2.10 6.73 -8.61
C CYS A 25 -0.76 6.35 -8.01
N LEU A 26 0.32 6.73 -8.70
CA LEU A 26 1.68 6.59 -8.21
C LEU A 26 1.86 7.23 -6.83
N LEU A 27 1.44 8.49 -6.70
CA LEU A 27 1.66 9.23 -5.45
C LEU A 27 0.80 8.65 -4.33
N ILE A 28 -0.45 8.33 -4.66
CA ILE A 28 -1.40 7.85 -3.66
C ILE A 28 -1.12 6.42 -3.21
N SER A 29 -0.77 5.56 -4.17
CA SER A 29 -0.45 4.17 -3.87
C SER A 29 0.75 4.10 -2.97
N TYR A 30 1.73 4.95 -3.25
CA TYR A 30 2.93 4.99 -2.45
C TYR A 30 2.67 5.56 -1.06
N SER A 31 1.92 6.64 -0.96
CA SER A 31 1.82 7.32 0.33
C SER A 31 0.83 6.71 1.30
N ILE A 32 -0.30 6.19 0.82
CA ILE A 32 -1.31 5.68 1.76
C ILE A 32 -1.77 4.26 1.45
N ARG A 33 -1.00 3.56 0.62
CA ARG A 33 -1.21 2.15 0.31
C ARG A 33 -2.61 1.87 -0.23
N LYS A 34 -3.09 2.73 -1.12
CA LYS A 34 -4.36 2.51 -1.79
C LYS A 34 -4.27 2.85 -3.27
N PHE A 35 -4.95 2.08 -4.10
CA PHE A 35 -4.98 2.31 -5.55
C PHE A 35 -6.35 2.80 -6.00
N PRO A 36 -6.45 4.09 -6.39
CA PRO A 36 -7.66 4.86 -6.73
C PRO A 36 -8.65 4.22 -7.74
N GLU A 37 -8.16 3.60 -8.83
CA GLU A 37 -9.03 2.95 -9.83
C GLU A 37 -9.84 3.91 -10.70
N ASP A 38 -10.61 4.80 -10.07
CA ASP A 38 -11.31 5.83 -10.82
C ASP A 38 -10.30 6.83 -11.36
N TYR A 39 -10.52 7.31 -12.58
CA TYR A 39 -9.66 8.35 -13.10
C TYR A 39 -10.29 9.73 -12.98
N ILE A 40 -9.69 10.56 -12.14
CA ILE A 40 -10.03 11.97 -12.08
C ILE A 40 -8.80 12.81 -12.40
N PRO A 41 -8.83 13.48 -13.56
CA PRO A 41 -7.70 14.32 -13.99
C PRO A 41 -7.35 15.35 -12.94
N THR A 42 -6.06 15.48 -12.68
CA THR A 42 -5.55 16.40 -11.68
C THR A 42 -5.55 17.82 -12.22
N VAL A 43 -5.87 18.79 -11.37
CA VAL A 43 -5.62 20.18 -11.71
C VAL A 43 -4.41 20.63 -10.92
N PHE A 44 -4.50 20.51 -9.61
CA PHE A 44 -3.40 20.82 -8.74
C PHE A 44 -3.59 20.07 -7.41
N ASP A 45 -2.57 19.35 -6.95
CA ASP A 45 -2.62 18.70 -5.64
C ASP A 45 -1.25 18.62 -4.99
N ASN A 46 -1.19 18.99 -3.71
CA ASN A 46 0.05 18.97 -2.95
C ASN A 46 -0.10 18.13 -1.71
N TYR A 47 0.85 17.25 -1.49
CA TYR A 47 0.83 16.41 -0.31
C TYR A 47 2.17 16.48 0.40
N VAL A 48 2.18 16.06 1.66
CA VAL A 48 3.41 15.91 2.41
C VAL A 48 3.35 14.56 3.15
N VAL A 49 4.47 13.84 3.15
CA VAL A 49 4.62 12.64 3.97
C VAL A 49 5.90 12.76 4.80
N SER A 50 5.98 11.96 5.87
CA SER A 50 7.18 11.88 6.71
C SER A 50 7.89 10.55 6.48
N LEU A 51 9.22 10.60 6.36
CA LEU A 51 10.07 9.45 6.11
C LEU A 51 11.25 9.53 7.03
N THR A 52 11.92 8.41 7.25
CA THR A 52 13.26 8.50 7.78
C THR A 52 14.22 7.95 6.72
N ALA A 53 15.35 8.63 6.54
CA ALA A 53 16.44 8.14 5.72
C ALA A 53 17.63 8.07 6.65
N GLY A 54 17.93 6.85 7.09
CA GLY A 54 18.84 6.64 8.21
C GLY A 54 18.19 7.17 9.48
N THR A 55 18.86 8.09 10.15
CA THR A 55 18.29 8.69 11.35
C THR A 55 17.73 10.07 11.03
N ARG A 56 17.92 10.49 9.79
CA ARG A 56 17.50 11.84 9.39
C ARG A 56 15.99 11.86 9.11
N GLN A 57 15.29 12.77 9.78
CA GLN A 57 13.86 12.95 9.60
C GLN A 57 13.63 13.75 8.30
N ILE A 58 12.66 13.31 7.50
CA ILE A 58 12.45 13.89 6.17
C ILE A 58 11.00 14.27 5.97
N GLN A 59 10.76 15.51 5.54
CA GLN A 59 9.46 15.91 5.03
C GLN A 59 9.50 15.91 3.51
N LEU A 60 8.82 14.93 2.91
CA LEU A 60 8.80 14.80 1.46
C LEU A 60 7.54 15.40 0.89
N ALA A 61 7.68 16.53 0.20
CA ALA A 61 6.54 17.20 -0.41
C ALA A 61 6.27 16.68 -1.81
N LEU A 62 5.04 16.24 -2.06
CA LEU A 62 4.70 15.65 -3.35
C LEU A 62 3.77 16.58 -4.10
N TRP A 63 4.24 17.11 -5.22
CA TRP A 63 3.49 18.07 -6.02
C TRP A 63 2.95 17.39 -7.28
N ASP A 64 1.65 17.14 -7.31
CA ASP A 64 1.01 16.45 -8.42
C ASP A 64 0.55 17.49 -9.42
N THR A 65 0.79 17.24 -10.70
CA THR A 65 0.44 18.22 -11.72
C THR A 65 -0.50 17.64 -12.75
N ALA A 66 -1.06 18.52 -13.57
CA ALA A 66 -2.00 18.14 -14.61
C ALA A 66 -1.32 17.74 -15.91
N GLY A 67 -1.64 16.55 -16.42
CA GLY A 67 -1.12 16.10 -17.70
C GLY A 67 -1.87 16.71 -18.87
N LEU A 68 -3.13 17.05 -18.65
CA LEU A 68 -3.93 17.63 -19.73
C LEU A 68 -3.42 19.00 -20.15
N GLU A 69 -3.45 19.25 -21.46
CA GLU A 69 -2.84 20.46 -21.98
C GLU A 69 -3.64 21.73 -21.66
N GLU A 70 -4.88 21.56 -21.20
CA GLU A 70 -5.71 22.69 -20.74
C GLU A 70 -5.04 23.49 -19.63
N TYR A 71 -4.17 22.83 -18.86
CA TYR A 71 -3.54 23.45 -17.70
C TYR A 71 -2.09 23.82 -17.96
N ASP A 72 -1.71 23.86 -19.24
CA ASP A 72 -0.34 24.14 -19.66
C ASP A 72 0.23 25.45 -19.12
N GLN A 73 -0.63 26.46 -18.99
CA GLN A 73 -0.16 27.77 -18.54
C GLN A 73 -0.15 27.88 -17.00
N LEU A 74 -0.88 26.98 -16.33
CA LEU A 74 -0.91 26.92 -14.87
C LEU A 74 0.19 26.00 -14.34
N ARG A 75 0.52 24.98 -15.11
CA ARG A 75 1.48 23.98 -14.63
C ARG A 75 2.78 24.55 -14.05
N PRO A 76 3.41 25.52 -14.74
CA PRO A 76 4.66 26.02 -14.13
C PRO A 76 4.57 26.62 -12.69
N LEU A 77 3.38 26.91 -12.19
CA LEU A 77 3.27 27.36 -10.79
C LEU A 77 3.87 26.34 -9.80
N SER A 78 3.91 25.08 -10.20
CA SER A 78 4.42 23.99 -9.35
C SER A 78 5.93 23.85 -9.37
N TYR A 79 6.60 24.57 -10.26
CA TYR A 79 8.00 24.27 -10.54
C TYR A 79 9.05 24.97 -9.67
N SER A 80 8.66 25.94 -8.86
CA SER A 80 9.65 26.75 -8.16
C SER A 80 10.36 25.95 -7.10
N SER A 81 11.69 26.08 -7.08
CA SER A 81 12.47 25.53 -5.98
C SER A 81 12.24 24.03 -5.79
N ALA A 82 12.20 23.31 -6.90
CA ALA A 82 11.97 21.87 -6.86
C ALA A 82 13.24 21.19 -6.44
N SER A 83 13.12 20.07 -5.74
CA SER A 83 14.29 19.28 -5.42
C SER A 83 14.54 18.23 -6.50
N ILE A 84 13.47 17.74 -7.11
CA ILE A 84 13.55 16.64 -8.06
C ILE A 84 12.27 16.54 -8.87
N PHE A 85 12.40 16.13 -10.12
CA PHE A 85 11.27 15.88 -10.99
C PHE A 85 11.16 14.38 -11.31
N LEU A 86 9.94 13.85 -11.26
CA LEU A 86 9.63 12.57 -11.90
C LEU A 86 8.95 12.89 -13.22
N ILE A 87 9.50 12.40 -14.33
CA ILE A 87 8.79 12.53 -15.61
C ILE A 87 8.27 11.14 -15.94
N CYS A 88 6.97 11.02 -16.18
CA CYS A 88 6.31 9.72 -16.29
C CYS A 88 5.78 9.47 -17.70
N PHE A 89 5.86 8.21 -18.14
CA PHE A 89 5.17 7.76 -19.35
C PHE A 89 4.70 6.34 -19.06
N SER A 90 3.61 5.92 -19.69
CA SER A 90 3.11 4.55 -19.52
C SER A 90 3.82 3.59 -20.49
N VAL A 91 4.33 2.47 -20.00
CA VAL A 91 4.99 1.50 -20.89
C VAL A 91 4.08 0.95 -21.98
N THR A 92 2.77 1.16 -21.88
CA THR A 92 1.89 0.75 -22.95
C THR A 92 1.32 1.96 -23.70
N SER A 93 2.00 3.09 -23.57
CA SER A 93 1.63 4.25 -24.38
C SER A 93 2.83 4.95 -24.99
N SER A 94 3.18 4.51 -26.18
CA SER A 94 4.29 5.05 -26.93
C SER A 94 4.04 6.52 -27.27
N VAL A 95 2.77 6.88 -27.33
CA VAL A 95 2.39 8.28 -27.48
C VAL A 95 2.94 9.09 -26.28
N SER A 96 2.75 8.55 -25.07
CA SER A 96 3.21 9.22 -23.84
C SER A 96 4.74 9.22 -23.77
N TYR A 97 5.35 8.18 -24.33
CA TYR A 97 6.79 8.11 -24.40
C TYR A 97 7.31 9.22 -25.29
N ASP A 98 6.69 9.39 -26.46
CA ASP A 98 7.14 10.42 -27.38
C ASP A 98 6.98 11.81 -26.80
N ASN A 99 5.89 12.01 -26.06
CA ASN A 99 5.59 13.31 -25.47
C ASN A 99 6.60 13.68 -24.40
N VAL A 100 7.24 12.68 -23.82
CA VAL A 100 8.34 12.97 -22.92
C VAL A 100 9.40 13.74 -23.72
N ILE A 101 9.63 13.30 -24.95
CA ILE A 101 10.60 13.93 -25.83
C ILE A 101 10.16 15.31 -26.36
N THR A 102 8.92 15.43 -26.83
CA THR A 102 8.51 16.68 -27.46
C THR A 102 8.04 17.77 -26.47
N LYS A 103 7.53 17.36 -25.31
CA LYS A 103 6.91 18.28 -24.36
C LYS A 103 7.54 18.31 -22.96
N TRP A 104 7.49 17.18 -22.25
CA TRP A 104 7.80 17.19 -20.82
C TRP A 104 9.24 17.49 -20.46
N HIS A 105 10.18 16.79 -21.08
CA HIS A 105 11.59 17.13 -20.89
C HIS A 105 11.90 18.59 -21.26
N PRO A 106 11.46 19.05 -22.45
CA PRO A 106 11.70 20.48 -22.73
C PRO A 106 11.05 21.42 -21.70
N GLU A 107 9.84 21.09 -21.25
CA GLU A 107 9.16 21.96 -20.29
C GLU A 107 9.95 22.08 -19.01
N VAL A 108 10.34 20.93 -18.48
CA VAL A 108 11.10 20.86 -17.24
C VAL A 108 12.42 21.64 -17.27
N ILE A 109 13.25 21.39 -18.27
CA ILE A 109 14.55 22.06 -18.32
C ILE A 109 14.47 23.56 -18.59
N HIS A 110 13.40 23.98 -19.27
CA HIS A 110 13.19 25.39 -19.51
C HIS A 110 13.07 26.15 -18.19
N PHE A 111 12.41 25.53 -17.20
CA PHE A 111 12.15 26.16 -15.92
C PHE A 111 13.14 25.78 -14.82
N ALA A 112 13.63 24.54 -14.87
CA ALA A 112 14.55 24.02 -13.87
C ALA A 112 15.61 23.13 -14.50
N PRO A 113 16.53 23.74 -15.28
CA PRO A 113 17.52 23.02 -16.08
C PRO A 113 18.52 22.23 -15.24
N LYS A 114 18.71 22.60 -13.98
CA LYS A 114 19.72 21.97 -13.12
C LYS A 114 19.14 20.96 -12.10
N VAL A 115 17.83 20.76 -12.14
CA VAL A 115 17.17 19.86 -11.19
C VAL A 115 17.14 18.41 -11.70
N PRO A 116 17.59 17.48 -10.85
CA PRO A 116 17.66 16.07 -11.27
C PRO A 116 16.29 15.53 -11.72
N ILE A 117 16.28 14.76 -12.80
CA ILE A 117 15.07 14.13 -13.32
C ILE A 117 15.19 12.60 -13.20
N ILE A 118 14.18 11.95 -12.64
CA ILE A 118 14.08 10.49 -12.72
C ILE A 118 12.97 10.15 -13.71
N LEU A 119 13.27 9.28 -14.66
CA LEU A 119 12.29 8.85 -15.64
C LEU A 119 11.55 7.65 -15.11
N VAL A 120 10.22 7.71 -15.18
CA VAL A 120 9.39 6.65 -14.62
C VAL A 120 8.49 6.08 -15.69
N GLY A 121 8.62 4.78 -15.92
CA GLY A 121 7.71 4.05 -16.79
C GLY A 121 6.62 3.49 -15.88
N THR A 122 5.38 3.90 -16.13
CA THR A 122 4.26 3.49 -15.29
C THR A 122 3.45 2.33 -15.88
N LYS A 123 2.62 1.74 -15.03
CA LYS A 123 1.73 0.66 -15.44
C LYS A 123 2.50 -0.55 -15.99
N LEU A 124 3.54 -0.95 -15.25
CA LEU A 124 4.36 -2.09 -15.63
C LEU A 124 3.51 -3.32 -15.86
N ASP A 125 2.47 -3.47 -15.04
CA ASP A 125 1.61 -4.65 -15.06
C ASP A 125 0.86 -4.82 -16.39
N THR A 126 0.80 -3.77 -17.19
CA THR A 126 0.02 -3.80 -18.43
C THR A 126 0.83 -4.33 -19.63
N ARG A 127 2.14 -4.37 -19.48
CA ARG A 127 3.04 -4.71 -20.58
C ARG A 127 2.85 -6.16 -21.04
N ASN A 128 2.60 -7.04 -20.08
CA ASN A 128 2.36 -8.46 -20.40
C ASN A 128 0.89 -8.79 -20.52
N ASP A 129 0.04 -7.77 -20.63
CA ASP A 129 -1.37 -8.02 -20.79
C ASP A 129 -1.63 -8.23 -22.27
N PRO A 130 -1.89 -9.48 -22.66
CA PRO A 130 -2.07 -9.86 -24.06
C PRO A 130 -3.20 -9.04 -24.66
N ALA A 131 -4.25 -8.78 -23.88
CA ALA A 131 -5.38 -8.01 -24.40
C ALA A 131 -4.95 -6.59 -24.75
N ILE A 132 -4.05 -6.02 -23.95
CA ILE A 132 -3.60 -4.66 -24.20
C ILE A 132 -2.75 -4.63 -25.47
N VAL A 133 -1.84 -5.60 -25.60
CA VAL A 133 -0.98 -5.68 -26.78
C VAL A 133 -1.81 -5.73 -28.09
N LYS A 134 -2.96 -6.42 -28.05
CA LYS A 134 -3.90 -6.47 -29.18
C LYS A 134 -4.25 -5.10 -29.66
N ARG A 135 -4.75 -4.31 -28.70
CA ARG A 135 -5.17 -2.96 -28.98
C ARG A 135 -4.06 -2.21 -29.67
N LEU A 136 -2.87 -2.30 -29.10
CA LEU A 136 -1.72 -1.56 -29.58
C LEU A 136 -1.33 -2.01 -30.99
N THR A 137 -1.34 -3.32 -31.23
CA THR A 137 -0.97 -3.88 -32.53
C THR A 137 -1.94 -3.50 -33.65
N GLU A 138 -3.25 -3.65 -33.41
CA GLU A 138 -4.23 -3.31 -34.43
C GLU A 138 -4.29 -1.82 -34.74
N GLN A 139 -3.58 -1.02 -33.96
CA GLN A 139 -3.53 0.42 -34.16
C GLN A 139 -2.14 0.97 -34.44
N GLY A 140 -1.22 0.08 -34.79
CA GLY A 140 0.09 0.52 -35.23
C GLY A 140 0.93 1.18 -34.17
N MET A 141 0.58 0.92 -32.90
CA MET A 141 1.35 1.42 -31.76
C MET A 141 2.17 0.28 -31.18
N THR A 142 3.10 0.58 -30.27
CA THR A 142 3.95 -0.49 -29.70
C THR A 142 4.14 -0.39 -28.18
N VAL A 143 4.40 -1.53 -27.56
CA VAL A 143 4.81 -1.57 -26.16
C VAL A 143 6.21 -0.94 -26.00
N ILE A 144 6.42 -0.24 -24.88
CA ILE A 144 7.76 0.25 -24.54
C ILE A 144 8.47 -0.81 -23.70
N ASN A 145 9.55 -1.35 -24.24
CA ASN A 145 10.34 -2.36 -23.55
C ASN A 145 11.40 -1.66 -22.72
N THR A 146 11.96 -2.36 -21.75
CA THR A 146 12.91 -1.74 -20.82
C THR A 146 14.08 -1.05 -21.53
N ALA A 147 14.51 -1.63 -22.66
CA ALA A 147 15.65 -1.09 -23.39
C ALA A 147 15.33 0.27 -23.96
N LYS A 148 14.16 0.41 -24.58
CA LYS A 148 13.75 1.69 -25.16
C LYS A 148 13.48 2.73 -24.06
N GLY A 149 13.18 2.22 -22.87
CA GLY A 149 13.05 3.07 -21.70
C GLY A 149 14.39 3.65 -21.27
N GLU A 150 15.41 2.80 -21.17
CA GLU A 150 16.75 3.27 -20.79
C GLU A 150 17.29 4.22 -21.83
N GLU A 151 16.87 4.00 -23.08
CA GLU A 151 17.29 4.87 -24.16
C GLU A 151 16.76 6.29 -23.92
N LEU A 152 15.48 6.40 -23.57
CA LEU A 152 14.90 7.71 -23.28
C LEU A 152 15.64 8.37 -22.13
N LYS A 153 15.95 7.57 -21.10
CA LYS A 153 16.65 8.07 -19.92
C LYS A 153 18.00 8.71 -20.30
N ASN A 154 18.73 8.04 -21.18
CA ASN A 154 20.01 8.56 -21.65
C ASN A 154 19.84 9.79 -22.51
N ARG A 155 18.81 9.77 -23.34
CA ARG A 155 18.55 10.87 -24.25
C ARG A 155 18.21 12.19 -23.53
N ILE A 156 17.43 12.11 -22.46
CA ILE A 156 17.05 13.32 -21.72
C ILE A 156 17.94 13.54 -20.49
N LYS A 157 19.00 12.74 -20.38
CA LYS A 157 19.99 12.88 -19.29
C LYS A 157 19.33 12.76 -17.93
N ALA A 158 18.34 11.88 -17.85
CA ALA A 158 17.72 11.54 -16.58
C ALA A 158 18.71 10.74 -15.75
N VAL A 159 18.67 10.89 -14.44
CA VAL A 159 19.63 10.23 -13.56
C VAL A 159 19.36 8.72 -13.43
N LYS A 160 18.09 8.36 -13.36
CA LYS A 160 17.68 6.95 -13.27
C LYS A 160 16.43 6.71 -14.13
N TYR A 161 16.15 5.45 -14.42
CA TYR A 161 14.93 5.03 -15.07
C TYR A 161 14.36 3.87 -14.28
N ILE A 162 13.11 3.98 -13.86
CA ILE A 162 12.51 2.97 -13.01
C ILE A 162 11.14 2.65 -13.60
N GLU A 163 10.83 1.36 -13.70
CA GLU A 163 9.54 0.90 -14.23
C GLU A 163 8.73 0.41 -13.05
N CYS A 164 7.44 0.70 -12.99
CA CYS A 164 6.68 0.27 -11.81
C CYS A 164 5.21 0.13 -12.08
N SER A 165 4.51 -0.46 -11.12
CA SER A 165 3.06 -0.59 -11.19
C SER A 165 2.46 -0.06 -9.90
N ALA A 166 1.55 0.89 -10.01
CA ALA A 166 0.87 1.41 -8.84
C ALA A 166 -0.20 0.40 -8.46
N LYS A 167 -0.68 -0.33 -9.45
CA LYS A 167 -1.74 -1.32 -9.23
C LYS A 167 -1.25 -2.48 -8.39
N THR A 168 -0.06 -3.00 -8.72
CA THR A 168 0.48 -4.18 -8.03
C THR A 168 1.52 -3.83 -6.97
N SER A 169 2.03 -2.61 -7.06
CA SER A 169 3.11 -2.07 -6.22
C SER A 169 4.49 -2.58 -6.61
N GLU A 170 4.61 -3.28 -7.72
CA GLU A 170 5.92 -3.74 -8.18
C GLU A 170 6.79 -2.54 -8.48
N ASN A 171 7.90 -2.45 -7.75
CA ASN A 171 8.89 -1.37 -7.90
C ASN A 171 8.40 0.02 -7.55
N LEU A 172 7.22 0.11 -6.93
CA LEU A 172 6.64 1.39 -6.59
C LEU A 172 7.49 2.12 -5.56
N LYS A 173 7.78 1.45 -4.45
CA LYS A 173 8.55 2.05 -3.38
C LYS A 173 9.90 2.49 -3.89
N THR A 174 10.45 1.71 -4.80
CA THR A 174 11.78 1.97 -5.35
C THR A 174 11.87 3.36 -5.98
N VAL A 175 10.83 3.76 -6.71
CA VAL A 175 10.77 5.08 -7.32
C VAL A 175 11.05 6.21 -6.33
N PHE A 176 10.43 6.13 -5.15
CA PHE A 176 10.58 7.19 -4.16
C PHE A 176 11.83 7.07 -3.29
N ASP A 177 12.26 5.84 -2.99
CA ASP A 177 13.52 5.62 -2.31
C ASP A 177 14.66 6.23 -3.13
N GLU A 178 14.64 5.99 -4.44
CA GLU A 178 15.68 6.48 -5.32
C GLU A 178 15.67 8.01 -5.45
N ALA A 179 14.47 8.58 -5.45
CA ALA A 179 14.34 10.02 -5.54
C ALA A 179 14.88 10.65 -4.26
N VAL A 180 14.50 10.09 -3.11
CA VAL A 180 15.00 10.58 -1.84
C VAL A 180 16.53 10.47 -1.78
N LYS A 181 17.06 9.37 -2.32
CA LYS A 181 18.50 9.16 -2.36
C LYS A 181 19.23 10.17 -3.28
N THR A 182 18.71 10.37 -4.49
CA THR A 182 19.27 11.33 -5.43
C THR A 182 19.38 12.75 -4.84
N VAL A 183 18.33 13.18 -4.14
CA VAL A 183 18.30 14.49 -3.51
C VAL A 183 19.25 14.61 -2.30
N LEU A 184 19.22 13.61 -1.42
CA LEU A 184 20.04 13.63 -0.22
C LEU A 184 21.54 13.45 -0.47
N MET A 185 21.90 12.84 -1.59
CA MET A 185 23.30 12.67 -1.98
C MET A 185 24.00 13.94 -2.49
N PRO B 8 17.36 -21.77 -2.46
CA PRO B 8 16.86 -20.67 -1.62
C PRO B 8 16.23 -21.23 -0.36
N THR B 9 16.44 -20.54 0.75
CA THR B 9 15.98 -21.04 2.01
C THR B 9 14.51 -20.69 2.22
N SER B 10 13.73 -21.66 2.68
CA SER B 10 12.31 -21.45 2.91
C SER B 10 12.06 -21.14 4.38
N ILE B 11 11.25 -20.12 4.63
CA ILE B 11 10.85 -19.78 5.98
C ILE B 11 9.33 -19.82 6.10
N LYS B 12 8.84 -20.58 7.07
CA LYS B 12 7.40 -20.64 7.32
C LYS B 12 6.98 -19.76 8.50
N LEU B 13 6.25 -18.70 8.18
CA LEU B 13 5.74 -17.79 9.20
C LEU B 13 4.24 -18.01 9.44
N VAL B 14 3.86 -18.12 10.72
CA VAL B 14 2.44 -18.28 11.08
C VAL B 14 1.98 -17.08 11.94
N VAL B 15 0.87 -16.43 11.58
CA VAL B 15 0.28 -15.35 12.39
C VAL B 15 -0.93 -15.86 13.16
N VAL B 16 -1.01 -15.60 14.47
CA VAL B 16 -2.19 -15.96 15.25
C VAL B 16 -2.62 -14.82 16.19
N GLY B 17 -3.84 -14.90 16.71
CA GLY B 17 -4.37 -13.85 17.57
C GLY B 17 -5.88 -13.66 17.39
N ASP B 18 -6.48 -12.86 18.27
CA ASP B 18 -7.92 -12.60 18.25
C ASP B 18 -8.43 -12.14 16.89
N GLY B 19 -9.73 -12.36 16.67
CA GLY B 19 -10.38 -11.86 15.48
C GLY B 19 -10.24 -10.35 15.42
N ALA B 20 -9.93 -9.86 14.22
CA ALA B 20 -9.92 -8.43 13.96
C ALA B 20 -8.80 -7.66 14.64
N VAL B 21 -7.80 -8.35 15.19
CA VAL B 21 -6.64 -7.59 15.69
C VAL B 21 -5.81 -7.03 14.54
N GLY B 22 -6.00 -7.59 13.35
CA GLY B 22 -5.33 -7.07 12.16
C GLY B 22 -4.26 -7.96 11.53
N LYS B 23 -4.40 -9.27 11.68
CA LYS B 23 -3.42 -10.23 11.16
C LYS B 23 -3.37 -10.22 9.62
N THR B 24 -4.55 -10.25 9.00
CA THR B 24 -4.59 -10.28 7.56
C THR B 24 -4.10 -8.95 6.97
N CYS B 25 -4.52 -7.83 7.56
CA CYS B 25 -4.07 -6.53 7.07
C CYS B 25 -2.56 -6.38 7.18
N LEU B 26 -2.01 -6.90 8.26
CA LEU B 26 -0.58 -6.94 8.45
C LEU B 26 0.13 -7.63 7.27
N LEU B 27 -0.32 -8.83 6.92
CA LEU B 27 0.33 -9.60 5.86
C LEU B 27 0.16 -8.93 4.51
N ILE B 28 -1.04 -8.41 4.27
CA ILE B 28 -1.37 -7.84 2.98
C ILE B 28 -0.75 -6.46 2.78
N SER B 29 -0.77 -5.64 3.82
CA SER B 29 -0.17 -4.33 3.70
C SER B 29 1.31 -4.48 3.46
N TYR B 30 1.93 -5.43 4.13
CA TYR B 30 3.35 -5.65 3.92
C TYR B 30 3.65 -6.25 2.53
N SER B 31 2.93 -7.27 2.08
CA SER B 31 3.39 -7.90 0.84
C SER B 31 3.01 -7.18 -0.47
N ILE B 32 1.84 -6.55 -0.54
CA ILE B 32 1.46 -5.89 -1.79
C ILE B 32 1.07 -4.43 -1.61
N ARG B 33 1.43 -3.86 -0.46
CA ARG B 33 1.19 -2.43 -0.22
C ARG B 33 -0.28 -2.06 -0.38
N LYS B 34 -1.17 -2.87 0.17
CA LYS B 34 -2.55 -2.49 0.19
C LYS B 34 -3.08 -2.62 1.60
N PHE B 35 -3.88 -1.66 2.02
CA PHE B 35 -4.52 -1.76 3.31
C PHE B 35 -5.99 -2.03 3.05
N PRO B 36 -6.43 -3.27 3.28
CA PRO B 36 -7.76 -3.77 2.95
C PRO B 36 -8.94 -2.95 3.47
N GLU B 37 -8.91 -2.55 4.73
CA GLU B 37 -10.00 -1.77 5.32
C GLU B 37 -11.30 -2.55 5.60
N ASP B 38 -11.81 -3.29 4.61
CA ASP B 38 -12.93 -4.17 4.87
C ASP B 38 -12.49 -5.31 5.78
N TYR B 39 -13.34 -5.69 6.72
CA TYR B 39 -13.03 -6.85 7.53
C TYR B 39 -13.76 -8.08 6.99
N ILE B 40 -12.96 -9.03 6.51
CA ILE B 40 -13.47 -10.34 6.17
C ILE B 40 -12.70 -11.35 7.00
N PRO B 41 -13.38 -12.04 7.92
CA PRO B 41 -12.72 -13.04 8.76
C PRO B 41 -12.03 -14.14 7.95
N THR B 42 -10.80 -14.46 8.34
CA THR B 42 -10.02 -15.50 7.69
C THR B 42 -10.49 -16.90 8.12
N VAL B 43 -10.53 -17.83 7.18
CA VAL B 43 -10.69 -19.23 7.52
C VAL B 43 -9.31 -19.86 7.37
N PHE B 44 -8.79 -19.79 6.15
CA PHE B 44 -7.46 -20.28 5.90
C PHE B 44 -6.85 -19.57 4.69
N ASP B 45 -5.64 -19.05 4.84
CA ASP B 45 -4.95 -18.46 3.69
C ASP B 45 -3.44 -18.60 3.77
N ASN B 46 -2.85 -19.02 2.65
CA ASN B 46 -1.40 -19.15 2.49
C ASN B 46 -0.88 -18.33 1.35
N TYR B 47 0.19 -17.59 1.63
CA TYR B 47 0.87 -16.78 0.63
C TYR B 47 2.36 -17.05 0.66
N VAL B 48 3.05 -16.68 -0.42
CA VAL B 48 4.51 -16.70 -0.43
C VAL B 48 5.03 -15.41 -1.08
N VAL B 49 6.10 -14.86 -0.52
CA VAL B 49 6.81 -13.75 -1.15
C VAL B 49 8.30 -14.07 -1.26
N SER B 50 9.00 -13.34 -2.10
CA SER B 50 10.44 -13.52 -2.21
C SER B 50 11.18 -12.35 -1.60
N LEU B 51 12.27 -12.66 -0.91
CA LEU B 51 13.10 -11.68 -0.26
C LEU B 51 14.55 -12.03 -0.56
N THR B 52 15.43 -11.04 -0.42
CA THR B 52 16.84 -11.32 -0.32
C THR B 52 17.33 -10.87 1.06
N ALA B 53 18.22 -11.65 1.67
CA ALA B 53 18.91 -11.22 2.89
C ALA B 53 20.40 -11.23 2.55
N GLY B 54 20.93 -10.04 2.27
CA GLY B 54 22.21 -9.91 1.62
C GLY B 54 22.00 -10.40 0.20
N THR B 55 22.75 -11.41 -0.21
CA THR B 55 22.57 -12.03 -1.53
C THR B 55 21.78 -13.32 -1.39
N ARG B 56 21.45 -13.67 -0.16
CA ARG B 56 20.77 -14.93 0.12
C ARG B 56 19.31 -14.82 -0.31
N GLN B 57 18.87 -15.75 -1.15
CA GLN B 57 17.49 -15.78 -1.63
C GLN B 57 16.58 -16.46 -0.62
N ILE B 58 15.39 -15.87 -0.40
CA ILE B 58 14.48 -16.37 0.64
C ILE B 58 13.06 -16.54 0.07
N GLN B 59 12.47 -17.71 0.30
CA GLN B 59 11.03 -17.85 0.10
C GLN B 59 10.33 -17.81 1.46
N LEU B 60 9.63 -16.71 1.72
CA LEU B 60 8.92 -16.52 2.97
C LEU B 60 7.46 -16.91 2.79
N ALA B 61 7.08 -18.03 3.40
CA ALA B 61 5.72 -18.51 3.35
C ALA B 61 4.92 -17.87 4.51
N LEU B 62 3.82 -17.22 4.16
CA LEU B 62 3.01 -16.53 5.15
C LEU B 62 1.71 -17.29 5.34
N TRP B 63 1.52 -17.81 6.55
CA TRP B 63 0.36 -18.65 6.85
C TRP B 63 -0.64 -17.85 7.69
N ASP B 64 -1.77 -17.47 7.09
CA ASP B 64 -2.76 -16.67 7.80
C ASP B 64 -3.74 -17.60 8.49
N THR B 65 -4.10 -17.30 9.75
CA THR B 65 -4.99 -18.18 10.49
C THR B 65 -6.27 -17.46 10.90
N ALA B 66 -7.23 -18.23 11.38
CA ALA B 66 -8.49 -17.69 11.83
C ALA B 66 -8.42 -17.26 13.29
N GLY B 67 -8.78 -16.01 13.57
CA GLY B 67 -8.85 -15.57 14.95
C GLY B 67 -10.12 -16.03 15.65
N LEU B 68 -11.19 -16.21 14.90
CA LEU B 68 -12.48 -16.59 15.49
C LEU B 68 -12.49 -18.01 16.08
N GLU B 69 -13.20 -18.17 17.19
CA GLU B 69 -13.12 -19.41 17.94
C GLU B 69 -13.86 -20.53 17.23
N GLU B 70 -14.69 -20.20 16.24
CA GLU B 70 -15.36 -21.21 15.38
C GLU B 70 -14.36 -22.16 14.76
N TYR B 71 -13.13 -21.70 14.58
CA TYR B 71 -12.11 -22.44 13.84
C TYR B 71 -11.03 -23.04 14.73
N ASP B 72 -11.32 -23.13 16.03
CA ASP B 72 -10.32 -23.60 16.99
C ASP B 72 -9.76 -24.98 16.67
N GLN B 73 -10.57 -25.87 16.11
CA GLN B 73 -10.14 -27.26 15.87
C GLN B 73 -9.46 -27.41 14.52
N LEU B 74 -9.66 -26.44 13.64
CA LEU B 74 -9.00 -26.40 12.34
C LEU B 74 -7.66 -25.69 12.41
N ARG B 75 -7.56 -24.70 13.30
CA ARG B 75 -6.36 -23.85 13.34
C ARG B 75 -5.02 -24.61 13.42
N PRO B 76 -4.91 -25.63 14.28
CA PRO B 76 -3.62 -26.34 14.32
C PRO B 76 -3.14 -27.02 13.02
N LEU B 77 -3.99 -27.16 11.99
CA LEU B 77 -3.52 -27.68 10.70
C LEU B 77 -2.38 -26.83 10.12
N SER B 78 -2.33 -25.56 10.52
CA SER B 78 -1.31 -24.61 10.07
C SER B 78 0.01 -24.65 10.83
N TYR B 79 0.05 -25.40 11.93
CA TYR B 79 1.17 -25.27 12.87
C TYR B 79 2.38 -26.17 12.60
N SER B 80 2.26 -27.09 11.65
CA SER B 80 3.35 -28.06 11.46
C SER B 80 4.58 -27.42 10.86
N SER B 81 5.73 -27.74 11.44
CA SER B 81 7.01 -27.34 10.88
C SER B 81 7.14 -25.84 10.65
N ALA B 82 6.66 -25.06 11.60
CA ALA B 82 6.72 -23.62 11.47
C ALA B 82 8.11 -23.14 11.82
N SER B 83 8.55 -22.07 11.17
CA SER B 83 9.83 -21.45 11.47
C SER B 83 9.65 -20.36 12.52
N ILE B 84 8.48 -19.73 12.55
CA ILE B 84 8.28 -18.63 13.47
C ILE B 84 6.80 -18.29 13.62
N PHE B 85 6.42 -17.87 14.83
CA PHE B 85 5.07 -17.40 15.08
C PHE B 85 5.08 -15.91 15.39
N LEU B 86 4.18 -15.17 14.75
CA LEU B 86 3.84 -13.82 15.18
C LEU B 86 2.53 -13.96 15.97
N ILE B 87 2.53 -13.56 17.24
CA ILE B 87 1.29 -13.52 18.02
C ILE B 87 0.88 -12.07 18.16
N CYS B 88 -0.35 -11.77 17.76
CA CYS B 88 -0.78 -10.39 17.61
C CYS B 88 -1.85 -10.00 18.63
N PHE B 89 -1.79 -8.75 19.08
CA PHE B 89 -2.88 -8.14 19.82
C PHE B 89 -2.93 -6.68 19.38
N SER B 90 -4.11 -6.08 19.45
CA SER B 90 -4.24 -4.67 19.11
C SER B 90 -3.90 -3.82 20.34
N VAL B 91 -3.07 -2.80 20.14
CA VAL B 91 -2.72 -1.93 21.26
C VAL B 91 -3.96 -1.19 21.84
N THR B 92 -5.06 -1.17 21.09
CA THR B 92 -6.30 -0.59 21.59
C THR B 92 -7.36 -1.65 21.93
N SER B 93 -6.92 -2.87 22.17
CA SER B 93 -7.79 -3.93 22.69
C SER B 93 -7.10 -4.69 23.78
N SER B 94 -7.36 -4.28 25.02
CA SER B 94 -6.80 -4.96 26.18
C SER B 94 -7.34 -6.39 26.27
N VAL B 95 -8.54 -6.61 25.72
CA VAL B 95 -9.08 -7.98 25.63
C VAL B 95 -8.19 -8.88 24.74
N SER B 96 -7.75 -8.36 23.59
CA SER B 96 -6.91 -9.16 22.71
C SER B 96 -5.58 -9.48 23.40
N TYR B 97 -5.13 -8.53 24.23
CA TYR B 97 -3.92 -8.67 25.01
C TYR B 97 -4.05 -9.78 26.03
N ASP B 98 -5.16 -9.80 26.75
CA ASP B 98 -5.34 -10.85 27.77
C ASP B 98 -5.42 -12.23 27.10
N ASN B 99 -6.03 -12.27 25.93
CA ASN B 99 -6.17 -13.54 25.24
C ASN B 99 -4.85 -14.11 24.78
N VAL B 100 -3.84 -13.26 24.62
CA VAL B 100 -2.52 -13.79 24.35
C VAL B 100 -2.11 -14.68 25.53
N ILE B 101 -2.41 -14.21 26.74
CA ILE B 101 -2.01 -14.91 27.96
C ILE B 101 -2.77 -16.21 28.16
N THR B 102 -4.08 -16.15 27.95
CA THR B 102 -4.95 -17.28 28.23
C THR B 102 -5.11 -18.24 27.05
N LYS B 103 -4.98 -17.76 25.80
CA LYS B 103 -5.25 -18.61 24.65
C LYS B 103 -4.08 -18.79 23.71
N TRP B 104 -3.66 -17.70 23.06
CA TRP B 104 -2.74 -17.82 21.91
C TRP B 104 -1.33 -18.33 22.28
N HIS B 105 -0.74 -17.74 23.31
CA HIS B 105 0.53 -18.28 23.82
C HIS B 105 0.42 -19.76 24.25
N PRO B 106 -0.59 -20.11 25.10
CA PRO B 106 -0.74 -21.55 25.39
C PRO B 106 -0.96 -22.41 24.15
N GLU B 107 -1.72 -21.90 23.17
CA GLU B 107 -1.98 -22.69 21.97
C GLU B 107 -0.69 -22.97 21.22
N VAL B 108 0.09 -21.92 20.97
CA VAL B 108 1.34 -22.08 20.22
C VAL B 108 2.32 -23.05 20.87
N ILE B 109 2.60 -22.87 22.17
CA ILE B 109 3.56 -23.72 22.86
C ILE B 109 3.08 -25.15 23.02
N HIS B 110 1.76 -25.38 23.10
CA HIS B 110 1.25 -26.76 23.13
C HIS B 110 1.65 -27.53 21.85
N PHE B 111 1.61 -26.84 20.71
CA PHE B 111 1.89 -27.47 19.41
C PHE B 111 3.30 -27.22 18.92
N ALA B 112 3.89 -26.09 19.31
CA ALA B 112 5.24 -25.79 18.86
C ALA B 112 6.08 -25.12 19.94
N PRO B 113 6.43 -25.89 20.99
CA PRO B 113 7.06 -25.29 22.16
C PRO B 113 8.44 -24.67 21.93
N LYS B 114 9.17 -25.08 20.90
CA LYS B 114 10.51 -24.53 20.68
C LYS B 114 10.61 -23.54 19.52
N VAL B 115 9.46 -23.19 18.91
CA VAL B 115 9.47 -22.27 17.79
C VAL B 115 9.42 -20.85 18.34
N PRO B 116 10.34 -19.98 17.89
CA PRO B 116 10.45 -18.60 18.36
C PRO B 116 9.18 -17.81 18.11
N ILE B 117 8.78 -16.97 19.07
CA ILE B 117 7.60 -16.14 18.93
C ILE B 117 7.99 -14.67 18.90
N ILE B 118 7.44 -13.92 17.95
CA ILE B 118 7.54 -12.48 18.04
C ILE B 118 6.16 -11.94 18.39
N LEU B 119 6.11 -11.12 19.43
CA LEU B 119 4.88 -10.47 19.85
C LEU B 119 4.69 -9.19 19.06
N VAL B 120 3.49 -9.03 18.53
CA VAL B 120 3.19 -7.90 17.69
C VAL B 120 2.00 -7.15 18.26
N GLY B 121 2.21 -5.86 18.46
CA GLY B 121 1.12 -4.97 18.79
C GLY B 121 0.67 -4.37 17.48
N THR B 122 -0.59 -4.58 17.15
CA THR B 122 -1.13 -4.12 15.88
C THR B 122 -1.89 -2.80 16.07
N LYS B 123 -2.19 -2.12 14.97
CA LYS B 123 -2.98 -0.90 14.99
C LYS B 123 -2.34 0.19 15.86
N LEU B 124 -1.04 0.38 15.70
CA LEU B 124 -0.30 1.38 16.44
C LEU B 124 -0.93 2.74 16.29
N ASP B 125 -1.40 3.01 15.09
CA ASP B 125 -2.00 4.31 14.76
C ASP B 125 -3.28 4.59 15.55
N THR B 126 -3.84 3.59 16.21
CA THR B 126 -5.09 3.82 16.91
C THR B 126 -4.87 4.27 18.37
N ARG B 127 -3.64 4.11 18.86
CA ARG B 127 -3.38 4.34 20.27
C ARG B 127 -3.60 5.80 20.69
N ASN B 128 -3.19 6.73 19.84
CA ASN B 128 -3.36 8.17 20.09
C ASN B 128 -4.63 8.73 19.49
N ASP B 129 -5.57 7.87 19.13
CA ASP B 129 -6.82 8.35 18.60
C ASP B 129 -7.71 8.66 19.77
N PRO B 130 -7.91 9.96 20.04
CA PRO B 130 -8.69 10.41 21.20
C PRO B 130 -10.11 9.81 21.19
N ALA B 131 -10.72 9.64 20.01
CA ALA B 131 -12.06 9.07 19.91
C ALA B 131 -12.10 7.60 20.38
N ILE B 132 -11.04 6.86 20.08
CA ILE B 132 -10.93 5.47 20.50
C ILE B 132 -10.76 5.39 22.01
N VAL B 133 -9.89 6.25 22.54
CA VAL B 133 -9.62 6.29 23.98
C VAL B 133 -10.92 6.50 24.77
N LYS B 134 -11.83 7.31 24.22
CA LYS B 134 -13.16 7.54 24.80
C LYS B 134 -13.87 6.26 25.12
N ARG B 135 -14.05 5.48 24.05
CA ARG B 135 -14.75 4.21 24.09
C ARG B 135 -14.16 3.32 25.18
N LEU B 136 -12.84 3.23 25.18
CA LEU B 136 -12.13 2.37 26.13
C LEU B 136 -12.33 2.87 27.57
N THR B 137 -12.27 4.18 27.77
CA THR B 137 -12.42 4.76 29.09
C THR B 137 -13.83 4.50 29.65
N GLU B 138 -14.85 4.78 28.83
CA GLU B 138 -16.23 4.60 29.26
C GLU B 138 -16.59 3.14 29.55
N GLN B 139 -15.70 2.21 29.23
CA GLN B 139 -15.92 0.81 29.55
C GLN B 139 -14.80 0.36 30.49
N GLY B 140 -14.08 1.35 31.02
CA GLY B 140 -13.07 1.12 32.04
C GLY B 140 -11.87 0.33 31.55
N MET B 141 -11.70 0.29 30.24
CA MET B 141 -10.59 -0.44 29.66
C MET B 141 -9.48 0.53 29.31
N THR B 142 -8.33 -0.01 28.95
CA THR B 142 -7.19 0.83 28.67
C THR B 142 -6.48 0.49 27.39
N VAL B 143 -5.76 1.49 26.93
CA VAL B 143 -4.80 1.40 25.88
C VAL B 143 -3.68 0.49 26.39
N ILE B 144 -3.08 -0.33 25.54
CA ILE B 144 -1.88 -1.04 25.96
C ILE B 144 -0.70 -0.16 25.58
N ASN B 145 0.08 0.28 26.56
CA ASN B 145 1.24 1.11 26.28
C ASN B 145 2.45 0.22 26.05
N THR B 146 3.51 0.79 25.46
CA THR B 146 4.67 0.00 25.07
C THR B 146 5.23 -0.81 26.22
N ALA B 147 5.20 -0.24 27.42
CA ALA B 147 5.73 -0.91 28.59
C ALA B 147 4.91 -2.14 28.91
N LYS B 148 3.59 -2.03 28.80
CA LYS B 148 2.74 -3.19 29.08
C LYS B 148 2.88 -4.26 28.00
N GLY B 149 3.21 -3.83 26.79
CA GLY B 149 3.49 -4.75 25.70
C GLY B 149 4.77 -5.49 25.97
N GLU B 150 5.79 -4.75 26.36
CA GLU B 150 7.09 -5.34 26.65
C GLU B 150 6.93 -6.29 27.81
N GLU B 151 5.99 -5.95 28.69
CA GLU B 151 5.71 -6.77 29.87
C GLU B 151 5.21 -8.13 29.41
N LEU B 152 4.27 -8.13 28.48
CA LEU B 152 3.73 -9.37 27.93
C LEU B 152 4.80 -10.20 27.21
N LYS B 153 5.66 -9.52 26.46
CA LYS B 153 6.72 -10.21 25.73
C LYS B 153 7.60 -11.04 26.67
N ASN B 154 8.00 -10.44 27.78
CA ASN B 154 8.85 -11.13 28.75
C ASN B 154 8.12 -12.26 29.42
N ARG B 155 6.84 -12.06 29.70
CA ARG B 155 6.03 -13.11 30.30
C ARG B 155 5.88 -14.36 29.42
N ILE B 156 5.69 -14.18 28.11
CA ILE B 156 5.50 -15.34 27.24
C ILE B 156 6.78 -15.78 26.53
N LYS B 157 7.90 -15.15 26.90
CA LYS B 157 9.22 -15.51 26.37
C LYS B 157 9.27 -15.33 24.85
N ALA B 158 8.58 -14.30 24.38
CA ALA B 158 8.69 -13.88 22.99
C ALA B 158 10.07 -13.30 22.77
N VAL B 159 10.62 -13.51 21.58
CA VAL B 159 11.97 -13.06 21.26
C VAL B 159 12.06 -11.54 21.06
N LYS B 160 11.06 -10.95 20.42
CA LYS B 160 11.03 -9.49 20.23
C LYS B 160 9.61 -8.98 20.42
N TYR B 161 9.46 -7.69 20.66
CA TYR B 161 8.14 -7.08 20.70
C TYR B 161 8.11 -5.82 19.82
N ILE B 162 7.17 -5.80 18.88
CA ILE B 162 7.13 -4.73 17.89
C ILE B 162 5.72 -4.21 17.75
N GLU B 163 5.58 -2.89 17.75
CA GLU B 163 4.29 -2.25 17.57
C GLU B 163 4.30 -1.71 16.17
N CYS B 164 3.19 -1.84 15.46
CA CYS B 164 3.21 -1.37 14.08
C CYS B 164 1.82 -1.03 13.58
N SER B 165 1.78 -0.36 12.43
CA SER B 165 0.53 -0.04 11.79
C SER B 165 0.54 -0.47 10.35
N ALA B 166 -0.46 -1.28 10.02
CA ALA B 166 -0.67 -1.76 8.68
C ALA B 166 -1.26 -0.63 7.89
N LYS B 167 -1.98 0.23 8.59
CA LYS B 167 -2.62 1.38 7.94
C LYS B 167 -1.60 2.42 7.47
N THR B 168 -0.67 2.79 8.34
CA THR B 168 0.25 3.88 8.03
C THR B 168 1.60 3.39 7.54
N SER B 169 1.85 2.10 7.80
CA SER B 169 3.11 1.37 7.55
C SER B 169 4.17 1.60 8.61
N GLU B 170 3.81 2.30 9.68
CA GLU B 170 4.79 2.53 10.74
C GLU B 170 5.24 1.21 11.36
N ASN B 171 6.54 0.95 11.24
CA ASN B 171 7.16 -0.27 11.76
C ASN B 171 6.69 -1.57 11.10
N LEU B 172 5.98 -1.45 9.97
CA LEU B 172 5.44 -2.62 9.31
C LEU B 172 6.55 -3.52 8.77
N LYS B 173 7.44 -2.94 7.98
CA LYS B 173 8.52 -3.72 7.39
C LYS B 173 9.37 -4.36 8.47
N THR B 174 9.50 -3.68 9.61
CA THR B 174 10.33 -4.16 10.71
C THR B 174 9.87 -5.53 11.23
N VAL B 175 8.56 -5.70 11.38
CA VAL B 175 8.01 -6.97 11.85
C VAL B 175 8.54 -8.13 11.01
N PHE B 176 8.49 -8.01 9.69
CA PHE B 176 8.90 -9.14 8.87
C PHE B 176 10.42 -9.24 8.72
N ASP B 177 11.09 -8.09 8.66
CA ASP B 177 12.55 -8.11 8.65
C ASP B 177 13.03 -8.82 9.91
N GLU B 178 12.43 -8.47 11.04
CA GLU B 178 12.85 -9.06 12.30
C GLU B 178 12.54 -10.55 12.38
N ALA B 179 11.41 -10.97 11.81
CA ALA B 179 11.09 -12.39 11.84
C ALA B 179 12.11 -13.17 11.02
N VAL B 180 12.41 -12.65 9.83
CA VAL B 180 13.40 -13.26 8.96
C VAL B 180 14.78 -13.33 9.64
N LYS B 181 15.13 -12.26 10.34
CA LYS B 181 16.41 -12.25 11.02
C LYS B 181 16.44 -13.28 12.13
N THR B 182 15.39 -13.34 12.94
CA THR B 182 15.32 -14.34 13.99
C THR B 182 15.47 -15.77 13.43
N VAL B 183 14.77 -16.05 12.33
CA VAL B 183 14.80 -17.38 11.74
C VAL B 183 16.18 -17.66 11.15
N LEU B 184 16.74 -16.68 10.45
CA LEU B 184 18.04 -16.83 9.84
C LEU B 184 19.17 -16.92 10.85
N MET B 185 18.97 -16.32 12.03
CA MET B 185 19.98 -16.40 13.08
C MET B 185 19.99 -17.82 13.62
N ASN B 186 18.78 -18.37 13.77
CA ASN B 186 18.48 -19.68 14.35
C ASN B 186 18.48 -19.62 15.87
N GLU C 6 -39.10 18.77 36.93
CA GLU C 6 -38.19 19.91 36.93
C GLU C 6 -36.76 19.48 36.62
N LYS C 7 -35.90 20.46 36.31
CA LYS C 7 -34.50 20.17 36.01
C LYS C 7 -33.78 19.45 37.13
N PRO C 8 -33.00 18.43 36.75
CA PRO C 8 -32.05 17.81 37.69
C PRO C 8 -31.03 18.86 38.09
N THR C 9 -30.56 18.81 39.32
CA THR C 9 -29.64 19.81 39.81
C THR C 9 -28.24 19.52 39.30
N SER C 10 -27.55 20.53 38.79
CA SER C 10 -26.19 20.33 38.31
C SER C 10 -25.22 20.68 39.41
N ILE C 11 -24.26 19.79 39.63
CA ILE C 11 -23.17 20.01 40.56
C ILE C 11 -21.83 19.88 39.84
N LYS C 12 -20.97 20.88 39.99
CA LYS C 12 -19.64 20.83 39.39
C LYS C 12 -18.55 20.53 40.42
N LEU C 13 -17.95 19.34 40.30
CA LEU C 13 -16.89 18.92 41.18
C LEU C 13 -15.57 19.01 40.42
N VAL C 14 -14.60 19.67 41.03
CA VAL C 14 -13.28 19.79 40.43
C VAL C 14 -12.32 19.15 41.41
N VAL C 15 -11.50 18.22 40.89
CA VAL C 15 -10.47 17.54 41.68
C VAL C 15 -9.12 18.18 41.33
N VAL C 16 -8.32 18.50 42.35
CA VAL C 16 -6.95 18.98 42.12
C VAL C 16 -5.99 18.29 43.10
N GLY C 17 -4.69 18.36 42.81
CA GLY C 17 -3.69 17.70 43.62
C GLY C 17 -2.52 17.29 42.75
N ASP C 18 -1.41 16.91 43.37
CA ASP C 18 -0.19 16.53 42.64
C ASP C 18 -0.38 15.45 41.60
N GLY C 19 0.56 15.40 40.65
CA GLY C 19 0.57 14.33 39.68
C GLY C 19 0.64 13.02 40.43
N ALA C 20 -0.17 12.06 39.98
CA ALA C 20 -0.13 10.68 40.44
C ALA C 20 -0.64 10.42 41.87
N VAL C 21 -1.30 11.41 42.49
CA VAL C 21 -1.90 11.15 43.81
C VAL C 21 -3.10 10.25 43.66
N GLY C 22 -3.63 10.17 42.45
CA GLY C 22 -4.74 9.26 42.19
C GLY C 22 -6.10 9.89 41.95
N LYS C 23 -6.10 11.10 41.39
CA LYS C 23 -7.32 11.84 41.15
C LYS C 23 -8.17 11.12 40.12
N THR C 24 -7.52 10.71 39.03
CA THR C 24 -8.24 10.06 37.96
C THR C 24 -8.77 8.70 38.39
N CYS C 25 -7.97 7.93 39.13
CA CYS C 25 -8.44 6.61 39.59
C CYS C 25 -9.61 6.71 40.53
N LEU C 26 -9.55 7.72 41.38
CA LEU C 26 -10.63 8.09 42.27
C LEU C 26 -11.92 8.28 41.45
N LEU C 27 -11.84 9.07 40.39
CA LEU C 27 -13.03 9.36 39.60
C LEU C 27 -13.57 8.14 38.85
N ILE C 28 -12.68 7.37 38.23
CA ILE C 28 -13.09 6.24 37.42
C ILE C 28 -13.59 5.06 38.26
N SER C 29 -12.88 4.78 39.35
CA SER C 29 -13.27 3.66 40.20
C SER C 29 -14.64 3.92 40.81
N TYR C 30 -14.90 5.17 41.18
CA TYR C 30 -16.19 5.57 41.71
C TYR C 30 -17.28 5.51 40.65
N SER C 31 -16.99 5.95 39.43
CA SER C 31 -18.04 6.09 38.43
C SER C 31 -18.48 4.82 37.70
N ILE C 32 -17.53 3.93 37.38
CA ILE C 32 -17.86 2.69 36.65
C ILE C 32 -17.25 1.47 37.30
N ARG C 33 -16.75 1.65 38.51
CA ARG C 33 -16.27 0.54 39.31
C ARG C 33 -15.17 -0.24 38.59
N LYS C 34 -14.23 0.53 38.02
CA LYS C 34 -13.06 -0.02 37.35
C LYS C 34 -11.84 0.68 37.90
N PHE C 35 -10.76 -0.06 38.14
CA PHE C 35 -9.54 0.55 38.62
C PHE C 35 -8.44 0.49 37.57
N PRO C 36 -8.10 1.65 36.98
CA PRO C 36 -7.18 1.82 35.86
C PRO C 36 -5.79 1.15 35.96
N GLU C 37 -5.09 1.31 37.09
CA GLU C 37 -3.76 0.73 37.31
C GLU C 37 -2.58 1.34 36.53
N ASP C 38 -2.66 1.41 35.19
CA ASP C 38 -1.62 2.13 34.44
C ASP C 38 -1.77 3.63 34.70
N TYR C 39 -0.64 4.32 34.86
CA TYR C 39 -0.67 5.76 35.06
C TYR C 39 -0.51 6.49 33.76
N ILE C 40 -1.56 7.20 33.36
CA ILE C 40 -1.44 8.12 32.23
C ILE C 40 -1.77 9.51 32.74
N PRO C 41 -0.76 10.38 32.78
CA PRO C 41 -0.96 11.76 33.25
C PRO C 41 -2.09 12.45 32.49
N THR C 42 -2.97 13.10 33.25
CA THR C 42 -4.10 13.81 32.70
C THR C 42 -3.68 15.17 32.15
N VAL C 43 -4.27 15.56 31.04
CA VAL C 43 -4.14 16.94 30.61
C VAL C 43 -5.45 17.63 30.98
N PHE C 44 -6.54 17.11 30.44
CA PHE C 44 -7.87 17.59 30.70
C PHE C 44 -8.87 16.45 30.46
N ASP C 45 -9.77 16.24 31.42
CA ASP C 45 -10.84 15.26 31.26
C ASP C 45 -12.11 15.66 32.00
N ASN C 46 -13.26 15.57 31.32
CA ASN C 46 -14.55 15.92 31.91
C ASN C 46 -15.50 14.74 31.84
N TYR C 47 -16.13 14.39 32.97
CA TYR C 47 -17.10 13.28 32.98
C TYR C 47 -18.39 13.76 33.62
N VAL C 48 -19.46 13.01 33.37
CA VAL C 48 -20.73 13.26 34.01
C VAL C 48 -21.31 11.94 34.47
N VAL C 49 -21.87 11.91 35.68
CA VAL C 49 -22.64 10.76 36.15
C VAL C 49 -24.01 11.24 36.60
N SER C 50 -24.96 10.32 36.70
CA SER C 50 -26.28 10.65 37.24
C SER C 50 -26.45 10.01 38.60
N LEU C 51 -27.08 10.77 39.51
CA LEU C 51 -27.38 10.35 40.88
C LEU C 51 -28.79 10.79 41.25
N THR C 52 -29.33 10.14 42.28
CA THR C 52 -30.48 10.67 43.02
C THR C 52 -30.03 10.93 44.44
N ALA C 53 -30.50 12.02 45.04
CA ALA C 53 -30.27 12.26 46.46
C ALA C 53 -31.65 12.41 47.08
N GLY C 54 -32.13 11.35 47.71
CA GLY C 54 -33.53 11.29 48.09
C GLY C 54 -34.36 11.23 46.82
N THR C 55 -35.22 12.22 46.61
CA THR C 55 -36.02 12.27 45.40
C THR C 55 -35.41 13.22 44.37
N ARG C 56 -34.32 13.88 44.73
CA ARG C 56 -33.70 14.86 43.84
C ARG C 56 -32.82 14.23 42.77
N GLN C 57 -33.06 14.58 41.50
CA GLN C 57 -32.18 14.14 40.41
C GLN C 57 -30.92 15.01 40.37
N ILE C 58 -29.76 14.39 40.19
CA ILE C 58 -28.47 15.11 40.20
C ILE C 58 -27.59 14.79 38.98
N GLN C 59 -27.15 15.82 38.26
CA GLN C 59 -26.09 15.63 37.26
C GLN C 59 -24.78 16.07 37.89
N LEU C 60 -23.94 15.11 38.18
CA LEU C 60 -22.66 15.39 38.81
C LEU C 60 -21.58 15.44 37.75
N ALA C 61 -21.09 16.64 37.46
CA ALA C 61 -20.03 16.84 36.48
C ALA C 61 -18.69 16.74 37.21
N LEU C 62 -17.82 15.87 36.70
CA LEU C 62 -16.54 15.61 37.32
C LEU C 62 -15.43 16.19 36.44
N TRP C 63 -14.73 17.19 36.95
CA TRP C 63 -13.71 17.87 36.17
C TRP C 63 -12.34 17.46 36.67
N ASP C 64 -11.65 16.66 35.87
CA ASP C 64 -10.34 16.11 36.22
C ASP C 64 -9.25 17.03 35.72
N THR C 65 -8.26 17.30 36.56
CA THR C 65 -7.22 18.27 36.19
C THR C 65 -5.84 17.64 36.15
N ALA C 66 -4.88 18.37 35.60
CA ALA C 66 -3.51 17.90 35.49
C ALA C 66 -2.77 18.25 36.75
N GLY C 67 -2.15 17.24 37.37
CA GLY C 67 -1.30 17.46 38.53
C GLY C 67 0.07 17.97 38.12
N LEU C 68 0.51 17.62 36.92
CA LEU C 68 1.83 18.03 36.41
C LEU C 68 1.89 19.55 36.17
N GLU C 69 3.02 20.17 36.48
CA GLU C 69 3.08 21.62 36.40
C GLU C 69 3.24 22.18 34.98
N GLU C 70 3.51 21.30 34.00
CA GLU C 70 3.52 21.72 32.59
C GLU C 70 2.18 22.34 32.23
N TYR C 71 1.13 21.96 32.95
CA TYR C 71 -0.20 22.40 32.61
C TYR C 71 -0.74 23.47 33.58
N ASP C 72 0.18 24.09 34.33
CA ASP C 72 -0.19 25.10 35.31
C ASP C 72 -1.02 26.26 34.75
N GLN C 73 -0.76 26.64 33.50
CA GLN C 73 -1.46 27.79 32.91
C GLN C 73 -2.76 27.36 32.24
N LEU C 74 -2.91 26.06 31.99
CA LEU C 74 -4.15 25.57 31.41
C LEU C 74 -5.16 25.21 32.50
N ARG C 75 -4.66 24.75 33.65
CA ARG C 75 -5.53 24.23 34.70
C ARG C 75 -6.74 25.12 35.09
N PRO C 76 -6.53 26.45 35.26
CA PRO C 76 -7.65 27.32 35.68
C PRO C 76 -8.84 27.37 34.72
N LEU C 77 -8.68 26.89 33.49
CA LEU C 77 -9.84 26.77 32.61
C LEU C 77 -10.94 25.91 33.23
N SER C 78 -10.57 25.03 34.16
CA SER C 78 -11.53 24.16 34.82
C SER C 78 -12.27 24.81 35.99
N TYR C 79 -11.82 26.00 36.41
CA TYR C 79 -12.22 26.53 37.72
C TYR C 79 -13.50 27.39 37.79
N SER C 80 -14.08 27.73 36.65
CA SER C 80 -15.23 28.63 36.67
C SER C 80 -16.48 27.96 37.22
N SER C 81 -17.19 28.64 38.12
CA SER C 81 -18.50 28.19 38.56
C SER C 81 -18.55 26.77 39.14
N ALA C 82 -17.55 26.43 39.96
CA ALA C 82 -17.49 25.12 40.62
C ALA C 82 -18.42 25.10 41.82
N SER C 83 -18.96 23.92 42.13
CA SER C 83 -19.82 23.74 43.29
C SER C 83 -18.99 23.32 44.48
N ILE C 84 -17.92 22.59 44.19
CA ILE C 84 -17.06 22.04 45.23
C ILE C 84 -15.73 21.60 44.66
N PHE C 85 -14.66 21.78 45.42
CA PHE C 85 -13.35 21.26 45.04
C PHE C 85 -12.98 20.11 45.97
N LEU C 86 -12.46 19.04 45.39
CA LEU C 86 -11.74 18.02 46.15
C LEU C 86 -10.27 18.31 45.99
N ILE C 87 -9.58 18.53 47.08
CA ILE C 87 -8.13 18.64 46.99
C ILE C 87 -7.54 17.35 47.56
N CYS C 88 -6.69 16.69 46.76
CA CYS C 88 -6.22 15.36 47.05
C CYS C 88 -4.75 15.35 47.36
N PHE C 89 -4.38 14.47 48.29
CA PHE C 89 -3.00 14.11 48.54
C PHE C 89 -2.98 12.61 48.87
N SER C 90 -1.86 11.96 48.56
CA SER C 90 -1.74 10.55 48.88
C SER C 90 -1.31 10.37 50.33
N VAL C 91 -2.03 9.54 51.07
CA VAL C 91 -1.69 9.29 52.48
C VAL C 91 -0.30 8.68 52.64
N THR C 92 0.25 8.18 51.53
CA THR C 92 1.60 7.67 51.51
C THR C 92 2.55 8.57 50.72
N SER C 93 2.18 9.85 50.59
CA SER C 93 3.07 10.85 49.98
C SER C 93 3.04 12.19 50.72
N SER C 94 3.98 12.39 51.63
CA SER C 94 4.03 13.64 52.38
C SER C 94 4.29 14.84 51.46
N VAL C 95 5.00 14.62 50.36
CA VAL C 95 5.25 15.68 49.38
C VAL C 95 3.92 16.20 48.85
N SER C 96 3.01 15.28 48.53
CA SER C 96 1.71 15.71 48.05
C SER C 96 0.89 16.41 49.15
N TYR C 97 1.10 16.02 50.40
CA TYR C 97 0.45 16.66 51.55
C TYR C 97 1.00 18.08 51.69
N ASP C 98 2.31 18.23 51.58
CA ASP C 98 2.94 19.55 51.72
C ASP C 98 2.48 20.51 50.61
N ASN C 99 2.32 19.97 49.41
CA ASN C 99 1.94 20.78 48.25
C ASN C 99 0.52 21.32 48.35
N VAL C 100 -0.33 20.65 49.13
CA VAL C 100 -1.65 21.21 49.37
C VAL C 100 -1.55 22.60 49.99
N ILE C 101 -0.60 22.75 50.92
CA ILE C 101 -0.37 24.01 51.60
C ILE C 101 0.26 25.08 50.71
N THR C 102 1.26 24.67 49.93
CA THR C 102 2.05 25.63 49.20
C THR C 102 1.46 26.00 47.84
N LYS C 103 0.76 25.05 47.22
CA LYS C 103 0.24 25.20 45.86
C LYS C 103 -1.28 25.09 45.74
N TRP C 104 -1.83 23.91 46.04
CA TRP C 104 -3.22 23.65 45.69
C TRP C 104 -4.25 24.49 46.43
N HIS C 105 -4.15 24.54 47.76
CA HIS C 105 -5.03 25.44 48.52
C HIS C 105 -4.92 26.90 48.09
N PRO C 106 -3.68 27.44 48.00
CA PRO C 106 -3.62 28.81 47.48
C PRO C 106 -4.20 28.96 46.05
N GLU C 107 -3.96 27.98 45.18
CA GLU C 107 -4.48 28.07 43.81
C GLU C 107 -6.00 28.11 43.82
N VAL C 108 -6.63 27.19 44.55
CA VAL C 108 -8.09 27.14 44.61
C VAL C 108 -8.72 28.43 45.14
N ILE C 109 -8.22 28.92 46.27
CA ILE C 109 -8.81 30.12 46.85
C ILE C 109 -8.56 31.38 46.03
N HIS C 110 -7.45 31.42 45.28
CA HIS C 110 -7.19 32.57 44.39
C HIS C 110 -8.26 32.70 43.30
N PHE C 111 -8.71 31.56 42.79
CA PHE C 111 -9.69 31.57 41.72
C PHE C 111 -11.08 31.40 42.26
N ALA C 112 -11.23 30.67 43.37
CA ALA C 112 -12.55 30.46 43.93
C ALA C 112 -12.58 30.45 45.46
N PRO C 113 -12.37 31.63 46.09
CA PRO C 113 -12.21 31.74 47.55
C PRO C 113 -13.44 31.32 48.35
N LYS C 114 -14.62 31.28 47.75
CA LYS C 114 -15.84 30.95 48.50
C LYS C 114 -16.38 29.54 48.29
N VAL C 115 -15.71 28.73 47.47
CA VAL C 115 -16.21 27.38 47.18
C VAL C 115 -15.72 26.35 48.19
N PRO C 116 -16.65 25.56 48.74
CA PRO C 116 -16.29 24.56 49.76
C PRO C 116 -15.27 23.54 49.28
N ILE C 117 -14.31 23.23 50.14
CA ILE C 117 -13.26 22.29 49.84
C ILE C 117 -13.38 21.07 50.75
N ILE C 118 -13.32 19.90 50.15
CA ILE C 118 -13.15 18.67 50.90
C ILE C 118 -11.75 18.17 50.67
N LEU C 119 -11.05 17.92 51.78
CA LEU C 119 -9.70 17.38 51.72
C LEU C 119 -9.82 15.89 51.64
N VAL C 120 -9.13 15.30 50.66
CA VAL C 120 -9.26 13.87 50.44
C VAL C 120 -7.90 13.22 50.54
N GLY C 121 -7.79 12.25 51.45
CA GLY C 121 -6.60 11.43 51.52
C GLY C 121 -6.82 10.22 50.63
N THR C 122 -5.98 10.07 49.61
CA THR C 122 -6.17 9.00 48.64
C THR C 122 -5.22 7.84 48.91
N LYS C 123 -5.49 6.71 48.26
CA LYS C 123 -4.63 5.52 48.38
C LYS C 123 -4.53 5.04 49.82
N LEU C 124 -5.69 4.93 50.49
CA LEU C 124 -5.72 4.47 51.86
C LEU C 124 -5.09 3.08 51.99
N ASP C 125 -5.36 2.21 51.01
CA ASP C 125 -4.92 0.82 51.09
C ASP C 125 -3.41 0.72 51.11
N THR C 126 -2.74 1.80 50.72
CA THR C 126 -1.29 1.77 50.63
C THR C 126 -0.64 2.06 51.98
N ARG C 127 -1.45 2.58 52.92
CA ARG C 127 -0.95 2.95 54.24
C ARG C 127 -0.51 1.68 55.00
N ASN C 128 -1.23 0.57 54.76
CA ASN C 128 -0.94 -0.71 55.42
C ASN C 128 0.01 -1.64 54.67
N ASP C 129 0.61 -1.16 53.58
CA ASP C 129 1.58 -1.95 52.82
C ASP C 129 2.99 -1.73 53.34
N PRO C 130 3.58 -2.78 53.95
CA PRO C 130 4.92 -2.67 54.55
C PRO C 130 5.98 -2.24 53.54
N ALA C 131 5.89 -2.75 52.31
CA ALA C 131 6.87 -2.45 51.28
C ALA C 131 6.89 -0.98 50.87
N ILE C 132 5.70 -0.39 50.76
CA ILE C 132 5.59 1.02 50.39
C ILE C 132 6.09 1.85 51.57
N VAL C 133 5.64 1.50 52.78
CA VAL C 133 6.07 2.21 53.98
C VAL C 133 7.58 2.14 54.09
N LYS C 134 8.13 0.97 53.75
CA LYS C 134 9.56 0.76 53.78
C LYS C 134 10.31 1.82 52.94
N ARG C 135 10.02 1.90 51.65
CA ARG C 135 10.66 2.91 50.80
C ARG C 135 10.51 4.33 51.32
N LEU C 136 9.33 4.68 51.82
CA LEU C 136 9.10 6.02 52.35
C LEU C 136 10.01 6.31 53.55
N THR C 137 10.16 5.32 54.44
CA THR C 137 11.01 5.44 55.62
C THR C 137 12.45 5.63 55.18
N GLU C 138 12.86 4.82 54.21
CA GLU C 138 14.21 4.84 53.62
C GLU C 138 14.44 6.16 52.88
N GLN C 139 13.39 6.95 52.77
CA GLN C 139 13.44 8.28 52.16
C GLN C 139 13.08 9.33 53.22
N GLY C 140 13.07 8.87 54.46
CA GLY C 140 12.92 9.73 55.62
C GLY C 140 11.60 10.47 55.70
N MET C 141 10.64 10.02 54.90
CA MET C 141 9.31 10.62 54.91
C MET C 141 8.37 9.68 55.66
N THR C 142 7.16 10.16 55.95
CA THR C 142 6.24 9.34 56.71
C THR C 142 4.84 9.30 56.13
N VAL C 143 4.14 8.24 56.50
CA VAL C 143 2.73 8.07 56.21
C VAL C 143 1.91 9.19 56.85
N ILE C 144 0.84 9.63 56.18
CA ILE C 144 -0.09 10.57 56.79
C ILE C 144 -1.22 9.80 57.46
N ASN C 145 -1.31 9.92 58.78
CA ASN C 145 -2.37 9.27 59.53
C ASN C 145 -3.57 10.19 59.62
N THR C 146 -4.72 9.63 59.96
CA THR C 146 -5.98 10.38 59.97
C THR C 146 -5.88 11.68 60.75
N ALA C 147 -5.09 11.67 61.82
CA ALA C 147 -4.95 12.87 62.64
C ALA C 147 -4.22 13.98 61.90
N LYS C 148 -3.14 13.65 61.20
CA LYS C 148 -2.44 14.72 60.50
C LYS C 148 -3.24 15.19 59.28
N GLY C 149 -4.13 14.33 58.78
CA GLY C 149 -5.04 14.74 57.73
C GLY C 149 -6.01 15.79 58.24
N GLU C 150 -6.61 15.54 59.41
CA GLU C 150 -7.55 16.50 59.99
C GLU C 150 -6.91 17.84 60.31
N GLU C 151 -5.62 17.82 60.61
CA GLU C 151 -4.90 19.03 60.91
C GLU C 151 -4.85 19.94 59.69
N LEU C 152 -4.49 19.36 58.54
CA LEU C 152 -4.46 20.10 57.29
C LEU C 152 -5.85 20.61 56.98
N LYS C 153 -6.85 19.76 57.18
CA LYS C 153 -8.23 20.13 56.91
C LYS C 153 -8.61 21.39 57.67
N ASN C 154 -8.25 21.44 58.94
CA ASN C 154 -8.51 22.63 59.75
C ASN C 154 -7.68 23.82 59.32
N ARG C 155 -6.44 23.57 58.94
CA ARG C 155 -5.54 24.65 58.52
C ARG C 155 -6.02 25.34 57.23
N ILE C 156 -6.46 24.57 56.24
CA ILE C 156 -6.89 25.18 55.00
C ILE C 156 -8.38 25.45 55.02
N LYS C 157 -9.00 25.19 56.16
CA LYS C 157 -10.44 25.41 56.37
C LYS C 157 -11.32 24.58 55.42
N ALA C 158 -10.88 23.36 55.14
CA ALA C 158 -11.69 22.41 54.39
C ALA C 158 -12.90 22.01 55.23
N VAL C 159 -14.03 21.74 54.57
CA VAL C 159 -15.25 21.43 55.28
C VAL C 159 -15.20 20.04 55.90
N LYS C 160 -14.61 19.09 55.18
CA LYS C 160 -14.48 17.73 55.67
C LYS C 160 -13.12 17.18 55.29
N TYR C 161 -12.76 16.08 55.94
CA TYR C 161 -11.58 15.33 55.56
C TYR C 161 -11.97 13.88 55.46
N ILE C 162 -11.71 13.27 54.31
CA ILE C 162 -12.11 11.88 54.06
C ILE C 162 -10.94 11.11 53.46
N GLU C 163 -10.72 9.90 53.97
CA GLU C 163 -9.68 9.03 53.45
C GLU C 163 -10.34 7.89 52.69
N CYS C 164 -9.74 7.50 51.56
CA CYS C 164 -10.30 6.44 50.74
C CYS C 164 -9.26 5.74 49.88
N SER C 165 -9.68 4.63 49.29
CA SER C 165 -8.87 3.90 48.32
C SER C 165 -9.68 3.64 47.07
N ALA C 166 -9.10 4.04 45.94
CA ALA C 166 -9.74 3.80 44.67
C ALA C 166 -9.53 2.35 44.27
N LYS C 167 -8.46 1.72 44.74
CA LYS C 167 -8.19 0.32 44.38
C LYS C 167 -9.23 -0.64 44.97
N THR C 168 -9.53 -0.48 46.26
CA THR C 168 -10.43 -1.39 46.98
C THR C 168 -11.85 -0.84 47.08
N SER C 169 -12.00 0.46 46.84
CA SER C 169 -13.27 1.19 46.93
C SER C 169 -13.74 1.50 48.37
N GLU C 170 -12.84 1.30 49.35
CA GLU C 170 -13.11 1.66 50.73
C GLU C 170 -13.33 3.17 50.92
N ASN C 171 -14.53 3.56 51.40
CA ASN C 171 -14.88 4.97 51.63
C ASN C 171 -14.90 5.76 50.34
N LEU C 172 -14.85 5.05 49.22
CA LEU C 172 -14.83 5.69 47.92
C LEU C 172 -16.15 6.42 47.72
N LYS C 173 -17.24 5.70 47.91
CA LYS C 173 -18.56 6.27 47.74
C LYS C 173 -18.75 7.44 48.71
N THR C 174 -18.19 7.30 49.90
CA THR C 174 -18.38 8.28 50.96
C THR C 174 -17.89 9.65 50.51
N VAL C 175 -16.74 9.65 49.85
CA VAL C 175 -16.13 10.87 49.32
C VAL C 175 -17.11 11.66 48.47
N PHE C 176 -17.83 10.98 47.60
CA PHE C 176 -18.77 11.65 46.71
C PHE C 176 -20.14 11.91 47.33
N ASP C 177 -20.59 11.00 48.20
CA ASP C 177 -21.83 11.19 48.95
C ASP C 177 -21.71 12.49 49.74
N GLU C 178 -20.57 12.61 50.41
CA GLU C 178 -20.32 13.74 51.27
C GLU C 178 -20.15 15.01 50.45
N ALA C 179 -19.56 14.89 49.26
CA ALA C 179 -19.39 16.06 48.40
C ALA C 179 -20.75 16.58 47.93
N VAL C 180 -21.63 15.68 47.48
CA VAL C 180 -22.98 16.10 47.09
C VAL C 180 -23.73 16.73 48.28
N LYS C 181 -23.54 16.17 49.47
CA LYS C 181 -24.22 16.70 50.66
C LYS C 181 -23.76 18.12 50.99
N THR C 182 -22.46 18.35 50.98
CA THR C 182 -21.89 19.68 51.23
C THR C 182 -22.47 20.70 50.26
N VAL C 183 -22.55 20.32 48.99
CA VAL C 183 -23.08 21.21 47.99
C VAL C 183 -24.57 21.42 48.23
N LEU C 184 -25.26 20.35 48.58
CA LEU C 184 -26.70 20.47 48.82
C LEU C 184 -27.01 21.28 50.08
N MET C 185 -26.08 21.31 51.05
CA MET C 185 -26.24 22.15 52.23
C MET C 185 -26.09 23.63 51.88
N ASN C 186 -25.11 23.99 51.03
CA ASN C 186 -24.90 25.41 50.70
C ASN C 186 -26.09 26.10 50.03
N GLU D 6 -22.10 -13.26 -53.16
CA GLU D 6 -21.45 -14.54 -52.85
C GLU D 6 -20.48 -14.46 -51.67
N LYS D 7 -20.08 -15.64 -51.22
CA LYS D 7 -19.15 -15.83 -50.11
C LYS D 7 -17.83 -15.17 -50.47
N PRO D 8 -17.27 -14.38 -49.54
CA PRO D 8 -15.88 -13.99 -49.79
C PRO D 8 -15.03 -15.25 -49.76
N THR D 9 -14.02 -15.35 -50.60
CA THR D 9 -13.19 -16.56 -50.59
C THR D 9 -12.05 -16.41 -49.56
N SER D 10 -11.79 -17.46 -48.81
CA SER D 10 -10.78 -17.45 -47.76
C SER D 10 -9.45 -17.95 -48.26
N ILE D 11 -8.39 -17.22 -47.94
CA ILE D 11 -7.05 -17.66 -48.27
C ILE D 11 -6.24 -17.73 -47.00
N LYS D 12 -5.63 -18.89 -46.74
CA LYS D 12 -4.79 -19.01 -45.57
C LYS D 12 -3.32 -18.91 -45.94
N LEU D 13 -2.69 -17.82 -45.50
CA LEU D 13 -1.27 -17.64 -45.74
C LEU D 13 -0.52 -17.89 -44.44
N VAL D 14 0.52 -18.70 -44.53
CA VAL D 14 1.38 -18.99 -43.41
C VAL D 14 2.79 -18.53 -43.78
N VAL D 15 3.42 -17.77 -42.89
CA VAL D 15 4.79 -17.31 -43.08
C VAL D 15 5.73 -18.11 -42.19
N VAL D 16 6.83 -18.60 -42.77
CA VAL D 16 7.85 -19.27 -41.98
C VAL D 16 9.25 -18.80 -42.35
N GLY D 17 10.22 -19.10 -41.50
CA GLY D 17 11.58 -18.65 -41.69
C GLY D 17 12.25 -18.41 -40.36
N ASP D 18 13.57 -18.20 -40.39
CA ASP D 18 14.38 -17.95 -39.20
C ASP D 18 13.86 -16.84 -38.30
N GLY D 19 14.30 -16.86 -37.05
CA GLY D 19 14.02 -15.77 -36.13
C GLY D 19 14.57 -14.47 -36.70
N ALA D 20 13.79 -13.40 -36.57
CA ALA D 20 14.25 -12.04 -36.92
C ALA D 20 14.47 -11.76 -38.41
N VAL D 21 14.02 -12.65 -39.28
CA VAL D 21 14.16 -12.36 -40.71
C VAL D 21 13.18 -11.29 -41.16
N GLY D 22 12.16 -11.04 -40.37
CA GLY D 22 11.20 -9.98 -40.67
C GLY D 22 9.82 -10.43 -41.09
N LYS D 23 9.38 -11.57 -40.58
CA LYS D 23 8.08 -12.14 -40.96
C LYS D 23 6.95 -11.28 -40.42
N THR D 24 7.09 -10.92 -39.14
CA THR D 24 6.10 -10.12 -38.43
C THR D 24 6.06 -8.71 -39.04
N CYS D 25 7.22 -8.14 -39.30
CA CYS D 25 7.29 -6.80 -39.91
C CYS D 25 6.71 -6.81 -41.30
N LEU D 26 6.96 -7.88 -42.03
CA LEU D 26 6.35 -8.08 -43.34
C LEU D 26 4.82 -7.99 -43.26
N LEU D 27 4.23 -8.72 -42.32
CA LEU D 27 2.79 -8.78 -42.21
C LEU D 27 2.18 -7.45 -41.75
N ILE D 28 2.82 -6.82 -40.78
CA ILE D 28 2.28 -5.59 -40.20
C ILE D 28 2.48 -4.37 -41.11
N SER D 29 3.68 -4.23 -41.69
CA SER D 29 3.92 -3.11 -42.58
C SER D 29 2.99 -3.19 -43.78
N TYR D 30 2.71 -4.41 -44.23
CA TYR D 30 1.80 -4.62 -45.34
C TYR D 30 0.37 -4.28 -44.94
N SER D 31 -0.04 -4.69 -43.74
CA SER D 31 -1.45 -4.60 -43.34
C SER D 31 -1.89 -3.21 -42.86
N ILE D 32 -1.02 -2.52 -42.11
CA ILE D 32 -1.38 -1.20 -41.57
C ILE D 32 -0.34 -0.11 -41.84
N ARG D 33 0.62 -0.39 -42.71
CA ARG D 33 1.63 0.60 -43.09
C ARG D 33 2.35 1.13 -41.85
N LYS D 34 2.71 0.21 -40.94
CA LYS D 34 3.49 0.54 -39.76
C LYS D 34 4.67 -0.40 -39.67
N PHE D 35 5.83 0.15 -39.35
CA PHE D 35 7.04 -0.64 -39.23
C PHE D 35 7.52 -0.70 -37.79
N PRO D 36 7.38 -1.88 -37.16
CA PRO D 36 7.64 -2.16 -35.73
C PRO D 36 8.99 -1.72 -35.14
N GLU D 37 10.10 -1.99 -35.84
CA GLU D 37 11.45 -1.59 -35.39
C GLU D 37 12.06 -2.33 -34.21
N ASP D 38 11.36 -2.39 -33.08
CA ASP D 38 11.81 -3.22 -31.96
C ASP D 38 11.59 -4.68 -32.34
N TYR D 39 12.48 -5.57 -31.94
CA TYR D 39 12.27 -6.98 -32.22
C TYR D 39 11.62 -7.68 -31.01
N ILE D 40 10.40 -8.18 -31.20
CA ILE D 40 9.75 -9.05 -30.22
C ILE D 40 9.45 -10.42 -30.87
N PRO D 41 10.16 -11.47 -30.44
CA PRO D 41 9.95 -12.79 -31.05
C PRO D 41 8.48 -13.23 -30.99
N THR D 42 7.98 -13.74 -32.11
CA THR D 42 6.62 -14.24 -32.20
C THR D 42 6.53 -15.62 -31.53
N VAL D 43 5.44 -15.89 -30.83
CA VAL D 43 5.17 -17.27 -30.41
C VAL D 43 4.12 -17.78 -31.35
N PHE D 44 3.00 -17.06 -31.36
CA PHE D 44 1.87 -17.33 -32.23
C PHE D 44 1.07 -16.03 -32.39
N ASP D 45 0.76 -15.69 -33.64
CA ASP D 45 -0.09 -14.55 -33.95
C ASP D 45 -0.86 -14.82 -35.24
N ASN D 46 -2.15 -14.50 -35.23
CA ASN D 46 -3.05 -14.69 -36.39
C ASN D 46 -3.72 -13.40 -36.75
N TYR D 47 -3.65 -12.99 -38.01
CA TYR D 47 -4.33 -11.77 -38.42
C TYR D 47 -5.21 -12.04 -39.64
N VAL D 48 -6.15 -11.14 -39.89
CA VAL D 48 -7.01 -11.18 -41.07
C VAL D 48 -7.10 -9.78 -41.67
N VAL D 49 -7.02 -9.70 -43.01
CA VAL D 49 -7.34 -8.45 -43.71
C VAL D 49 -8.38 -8.74 -44.80
N SER D 50 -8.99 -7.67 -45.30
CA SER D 50 -9.94 -7.79 -46.39
C SER D 50 -9.31 -7.27 -47.67
N LEU D 51 -9.56 -7.98 -48.77
CA LEU D 51 -9.05 -7.59 -50.08
C LEU D 51 -10.12 -7.74 -51.14
N THR D 52 -9.92 -7.07 -52.27
CA THR D 52 -10.60 -7.41 -53.50
C THR D 52 -9.57 -7.80 -54.55
N ALA D 53 -9.89 -8.83 -55.32
CA ALA D 53 -9.11 -9.20 -56.49
C ALA D 53 -10.10 -9.08 -57.64
N GLY D 54 -9.99 -8.01 -58.40
CA GLY D 54 -11.01 -7.72 -59.37
C GLY D 54 -12.29 -7.44 -58.66
N THR D 55 -13.31 -8.25 -58.93
CA THR D 55 -14.60 -8.07 -58.25
C THR D 55 -14.78 -9.03 -57.10
N ARG D 56 -13.85 -9.98 -56.93
CA ARG D 56 -14.00 -10.97 -55.87
C ARG D 56 -13.47 -10.49 -54.50
N GLN D 57 -14.33 -10.61 -53.48
CA GLN D 57 -13.95 -10.25 -52.12
C GLN D 57 -13.15 -11.36 -51.48
N ILE D 58 -12.07 -10.98 -50.79
CA ILE D 58 -11.15 -11.95 -50.21
C ILE D 58 -10.85 -11.66 -48.75
N GLN D 59 -10.96 -12.68 -47.92
CA GLN D 59 -10.45 -12.63 -46.55
C GLN D 59 -9.09 -13.30 -46.52
N LEU D 60 -8.06 -12.50 -46.36
CA LEU D 60 -6.72 -13.05 -46.33
C LEU D 60 -6.30 -13.22 -44.86
N ALA D 61 -6.23 -14.48 -44.44
CA ALA D 61 -5.83 -14.86 -43.09
C ALA D 61 -4.33 -14.99 -43.04
N LEU D 62 -3.72 -14.25 -42.14
CA LEU D 62 -2.26 -14.22 -42.04
C LEU D 62 -1.83 -14.91 -40.75
N TRP D 63 -1.14 -16.03 -40.92
CA TRP D 63 -0.70 -16.84 -39.81
C TRP D 63 0.78 -16.64 -39.62
N ASP D 64 1.13 -15.94 -38.56
CA ASP D 64 2.51 -15.63 -38.25
C ASP D 64 3.05 -16.71 -37.34
N THR D 65 4.25 -17.19 -37.60
CA THR D 65 4.76 -18.29 -36.79
C THR D 65 6.05 -17.89 -36.10
N ALA D 66 6.50 -18.73 -35.17
CA ALA D 66 7.74 -18.48 -34.45
C ALA D 66 8.94 -18.99 -35.22
N GLY D 67 9.92 -18.11 -35.46
CA GLY D 67 11.16 -18.53 -36.09
C GLY D 67 12.08 -19.25 -35.12
N LEU D 68 11.98 -18.93 -33.83
CA LEU D 68 12.86 -19.54 -32.81
C LEU D 68 12.58 -21.02 -32.62
N GLU D 69 13.63 -21.80 -32.41
CA GLU D 69 13.46 -23.24 -32.41
C GLU D 69 12.77 -23.76 -31.16
N GLU D 70 12.70 -22.92 -30.13
CA GLU D 70 12.02 -23.23 -28.89
C GLU D 70 10.58 -23.63 -29.16
N TYR D 71 10.03 -23.11 -30.26
CA TYR D 71 8.63 -23.32 -30.58
C TYR D 71 8.46 -24.32 -31.72
N ASP D 72 9.49 -25.11 -31.96
CA ASP D 72 9.45 -26.10 -33.05
C ASP D 72 8.27 -27.07 -32.97
N GLN D 73 7.89 -27.47 -31.76
CA GLN D 73 6.85 -28.46 -31.60
C GLN D 73 5.46 -27.84 -31.57
N LEU D 74 5.42 -26.51 -31.39
CA LEU D 74 4.16 -25.78 -31.43
C LEU D 74 3.84 -25.34 -32.85
N ARG D 75 4.89 -25.03 -33.62
CA ARG D 75 4.73 -24.47 -34.96
C ARG D 75 3.76 -25.19 -35.92
N PRO D 76 3.79 -26.53 -35.97
CA PRO D 76 2.88 -27.18 -36.93
C PRO D 76 1.38 -26.96 -36.66
N LEU D 77 1.00 -26.45 -35.49
CA LEU D 77 -0.40 -26.11 -35.22
C LEU D 77 -0.94 -25.11 -36.25
N SER D 78 -0.04 -24.36 -36.87
CA SER D 78 -0.44 -23.38 -37.87
C SER D 78 -0.63 -23.96 -39.28
N TYR D 79 -0.22 -25.20 -39.51
CA TYR D 79 -0.08 -25.70 -40.89
C TYR D 79 -1.34 -26.32 -41.53
N SER D 80 -2.42 -26.52 -40.79
CA SER D 80 -3.55 -27.22 -41.38
C SER D 80 -4.27 -26.38 -42.41
N SER D 81 -4.54 -26.99 -43.56
CA SER D 81 -5.36 -26.41 -44.62
C SER D 81 -4.89 -25.05 -45.11
N ALA D 82 -3.58 -24.91 -45.31
CA ALA D 82 -3.01 -23.66 -45.79
C ALA D 82 -3.26 -23.52 -47.29
N SER D 83 -3.39 -22.29 -47.75
CA SER D 83 -3.56 -22.00 -49.17
C SER D 83 -2.22 -21.75 -49.85
N ILE D 84 -1.28 -21.24 -49.07
CA ILE D 84 0.02 -20.85 -49.58
C ILE D 84 0.99 -20.67 -48.43
N PHE D 85 2.26 -21.01 -48.66
CA PHE D 85 3.28 -20.73 -47.68
C PHE D 85 4.21 -19.66 -48.25
N LEU D 86 4.54 -18.67 -47.43
CA LEU D 86 5.65 -17.79 -47.73
C LEU D 86 6.80 -18.33 -46.90
N ILE D 87 7.89 -18.67 -47.55
CA ILE D 87 9.08 -19.04 -46.81
C ILE D 87 10.02 -17.85 -46.96
N CYS D 88 10.53 -17.33 -45.84
CA CYS D 88 11.30 -16.08 -45.83
C CYS D 88 12.75 -16.31 -45.42
N PHE D 89 13.64 -15.53 -46.04
CA PHE D 89 15.04 -15.37 -45.62
C PHE D 89 15.41 -13.89 -45.86
N SER D 90 16.32 -13.36 -45.04
CA SER D 90 16.79 -11.99 -45.21
C SER D 90 17.95 -11.93 -46.22
N VAL D 91 17.87 -11.02 -47.17
CA VAL D 91 18.91 -10.88 -48.20
C VAL D 91 20.28 -10.58 -47.62
N THR D 92 20.31 -10.19 -46.34
CA THR D 92 21.57 -9.95 -45.63
C THR D 92 21.88 -10.99 -44.55
N SER D 93 21.28 -12.18 -44.63
CA SER D 93 21.61 -13.27 -43.73
C SER D 93 21.72 -14.60 -44.48
N SER D 94 22.94 -15.00 -44.86
CA SER D 94 23.11 -16.26 -45.59
C SER D 94 22.70 -17.43 -44.72
N VAL D 95 22.84 -17.27 -43.41
CA VAL D 95 22.38 -18.28 -42.46
C VAL D 95 20.89 -18.54 -42.60
N SER D 96 20.09 -17.48 -42.75
CA SER D 96 18.64 -17.69 -42.91
C SER D 96 18.37 -18.38 -44.25
N TYR D 97 19.20 -18.08 -45.23
CA TYR D 97 19.09 -18.67 -46.56
C TYR D 97 19.38 -20.19 -46.52
N ASP D 98 20.41 -20.59 -45.79
CA ASP D 98 20.78 -22.01 -45.73
C ASP D 98 19.64 -22.82 -45.07
N ASN D 99 19.03 -22.21 -44.06
CA ASN D 99 17.99 -22.85 -43.27
C ASN D 99 16.71 -23.14 -44.04
N VAL D 100 16.46 -22.40 -45.11
CA VAL D 100 15.34 -22.72 -45.96
C VAL D 100 15.53 -24.11 -46.53
N ILE D 101 16.78 -24.44 -46.89
CA ILE D 101 17.10 -25.76 -47.43
C ILE D 101 17.05 -26.85 -46.38
N THR D 102 17.63 -26.54 -45.22
CA THR D 102 17.79 -27.54 -44.20
C THR D 102 16.58 -27.67 -43.27
N LYS D 103 15.84 -26.58 -43.07
CA LYS D 103 14.76 -26.62 -42.12
C LYS D 103 13.43 -26.27 -42.77
N TRP D 104 13.30 -25.04 -43.26
CA TRP D 104 11.96 -24.55 -43.60
C TRP D 104 11.28 -25.27 -44.76
N HIS D 105 11.96 -25.39 -45.89
CA HIS D 105 11.40 -26.16 -47.01
C HIS D 105 11.06 -27.60 -46.63
N PRO D 106 11.98 -28.33 -45.97
CA PRO D 106 11.59 -29.68 -45.50
C PRO D 106 10.40 -29.71 -44.50
N GLU D 107 10.33 -28.74 -43.58
CA GLU D 107 9.23 -28.68 -42.62
C GLU D 107 7.89 -28.48 -43.34
N VAL D 108 7.84 -27.52 -44.25
CA VAL D 108 6.62 -27.25 -44.99
C VAL D 108 6.11 -28.46 -45.78
N ILE D 109 6.98 -29.08 -46.57
CA ILE D 109 6.55 -30.19 -47.42
C ILE D 109 6.16 -31.45 -46.62
N HIS D 110 6.75 -31.63 -45.43
CA HIS D 110 6.37 -32.77 -44.58
C HIS D 110 4.91 -32.72 -44.16
N PHE D 111 4.42 -31.51 -43.93
CA PHE D 111 3.05 -31.32 -43.45
C PHE D 111 2.08 -30.94 -44.56
N ALA D 112 2.58 -30.23 -45.57
CA ALA D 112 1.72 -29.78 -46.67
C ALA D 112 2.46 -29.92 -48.00
N PRO D 113 2.66 -31.17 -48.45
CA PRO D 113 3.50 -31.36 -49.63
C PRO D 113 2.93 -30.72 -50.89
N LYS D 114 1.62 -30.47 -50.96
CA LYS D 114 1.03 -29.96 -52.22
C LYS D 114 0.68 -28.46 -52.23
N VAL D 115 1.04 -27.74 -51.17
CA VAL D 115 0.70 -26.31 -51.10
C VAL D 115 1.80 -25.45 -51.75
N PRO D 116 1.42 -24.53 -52.64
CA PRO D 116 2.40 -23.69 -53.32
C PRO D 116 3.25 -22.86 -52.34
N ILE D 117 4.53 -22.74 -52.65
CA ILE D 117 5.43 -21.96 -51.81
C ILE D 117 5.91 -20.78 -52.62
N ILE D 118 5.86 -19.60 -52.02
CA ILE D 118 6.53 -18.42 -52.58
C ILE D 118 7.73 -18.14 -51.70
N LEU D 119 8.89 -18.03 -52.33
CA LEU D 119 10.11 -17.69 -51.61
C LEU D 119 10.21 -16.17 -51.54
N VAL D 120 10.47 -15.65 -50.34
CA VAL D 120 10.51 -14.22 -50.14
C VAL D 120 11.88 -13.87 -49.57
N GLY D 121 12.59 -12.97 -50.26
CA GLY D 121 13.82 -12.41 -49.73
C GLY D 121 13.49 -11.12 -49.02
N THR D 122 13.78 -11.04 -47.72
CA THR D 122 13.37 -9.88 -46.95
C THR D 122 14.47 -8.86 -46.67
N LYS D 123 14.08 -7.68 -46.20
CA LYS D 123 15.01 -6.61 -45.84
C LYS D 123 15.85 -6.17 -47.05
N LEU D 124 15.17 -5.92 -48.16
CA LEU D 124 15.79 -5.49 -49.41
C LEU D 124 16.65 -4.24 -49.21
N ASP D 125 16.18 -3.34 -48.36
CA ASP D 125 16.85 -2.07 -48.10
C ASP D 125 18.22 -2.24 -47.45
N THR D 126 18.47 -3.43 -46.91
CA THR D 126 19.71 -3.71 -46.20
C THR D 126 20.85 -4.20 -47.10
N ARG D 127 20.53 -4.59 -48.33
CA ARG D 127 21.54 -5.18 -49.21
C ARG D 127 22.61 -4.16 -49.60
N ASN D 128 22.20 -2.91 -49.76
CA ASN D 128 23.09 -1.81 -50.11
C ASN D 128 23.59 -0.98 -48.91
N ASP D 129 23.38 -1.48 -47.69
CA ASP D 129 23.80 -0.78 -46.49
C ASP D 129 25.27 -1.11 -46.23
N PRO D 130 26.15 -0.12 -46.45
CA PRO D 130 27.60 -0.31 -46.33
C PRO D 130 28.04 -0.76 -44.95
N ALA D 131 27.40 -0.23 -43.91
CA ALA D 131 27.72 -0.57 -42.53
C ALA D 131 27.39 -2.03 -42.20
N ILE D 132 26.27 -2.50 -42.73
CA ILE D 132 25.83 -3.87 -42.51
C ILE D 132 26.67 -4.86 -43.31
N VAL D 133 26.90 -4.56 -44.60
CA VAL D 133 27.68 -5.44 -45.46
C VAL D 133 29.08 -5.68 -44.88
N LYS D 134 29.66 -4.62 -44.33
CA LYS D 134 30.95 -4.67 -43.65
C LYS D 134 30.96 -5.75 -42.59
N ARG D 135 29.99 -5.65 -41.69
CA ARG D 135 29.80 -6.59 -40.59
C ARG D 135 29.73 -8.04 -41.10
N LEU D 136 28.97 -8.23 -42.18
CA LEU D 136 28.77 -9.54 -42.78
C LEU D 136 30.06 -10.14 -43.32
N THR D 137 30.88 -9.30 -43.94
CA THR D 137 32.10 -9.75 -44.55
C THR D 137 33.06 -10.34 -43.51
N GLU D 138 33.20 -9.66 -42.37
CA GLU D 138 34.10 -10.11 -41.30
C GLU D 138 33.70 -11.46 -40.71
N GLN D 139 32.55 -11.96 -41.13
CA GLN D 139 32.10 -13.30 -40.73
C GLN D 139 31.99 -14.18 -41.98
N GLY D 140 32.59 -13.71 -43.08
CA GLY D 140 32.69 -14.50 -44.29
C GLY D 140 31.36 -14.77 -44.95
N MET D 141 30.36 -13.96 -44.61
CA MET D 141 29.05 -14.11 -45.21
C MET D 141 28.82 -13.10 -46.32
N THR D 142 27.78 -13.32 -47.11
CA THR D 142 27.46 -12.43 -48.22
C THR D 142 25.98 -12.11 -48.31
N VAL D 143 25.68 -10.97 -48.93
CA VAL D 143 24.32 -10.62 -49.28
C VAL D 143 23.85 -11.64 -50.32
N ILE D 144 22.56 -11.96 -50.29
CA ILE D 144 21.99 -12.82 -51.31
C ILE D 144 21.49 -11.90 -52.42
N ASN D 145 22.02 -12.09 -53.62
CA ASN D 145 21.59 -11.29 -54.77
C ASN D 145 20.41 -11.95 -55.50
N THR D 146 19.71 -11.16 -56.32
CA THR D 146 18.47 -11.60 -56.96
C THR D 146 18.59 -12.93 -57.72
N ALA D 147 19.75 -13.17 -58.30
CA ALA D 147 20.00 -14.40 -59.03
C ALA D 147 20.04 -15.59 -58.08
N LYS D 148 20.71 -15.43 -56.94
CA LYS D 148 20.83 -16.55 -56.00
C LYS D 148 19.49 -16.85 -55.31
N GLY D 149 18.60 -15.87 -55.31
CA GLY D 149 17.26 -16.10 -54.84
C GLY D 149 16.49 -17.03 -55.77
N GLU D 150 16.54 -16.75 -57.07
CA GLU D 150 15.84 -17.57 -58.04
C GLU D 150 16.36 -19.00 -58.02
N GLU D 151 17.64 -19.15 -57.66
CA GLU D 151 18.26 -20.45 -57.56
C GLU D 151 17.62 -21.30 -56.48
N LEU D 152 17.50 -20.74 -55.27
CA LEU D 152 16.84 -21.41 -54.15
C LEU D 152 15.40 -21.69 -54.55
N LYS D 153 14.80 -20.73 -55.22
CA LYS D 153 13.43 -20.84 -55.66
C LYS D 153 13.26 -22.06 -56.55
N ASN D 154 14.15 -22.23 -57.52
CA ASN D 154 14.06 -23.39 -58.41
C ASN D 154 14.33 -24.70 -57.70
N ARG D 155 15.29 -24.67 -56.79
CA ARG D 155 15.65 -25.86 -56.03
C ARG D 155 14.53 -26.39 -55.13
N ILE D 156 13.83 -25.50 -54.42
CA ILE D 156 12.74 -25.93 -53.53
C ILE D 156 11.44 -25.87 -54.31
N LYS D 157 11.55 -25.60 -55.61
CA LYS D 157 10.40 -25.59 -56.50
C LYS D 157 9.31 -24.61 -56.05
N ALA D 158 9.72 -23.48 -55.48
CA ALA D 158 8.77 -22.43 -55.15
C ALA D 158 8.21 -21.88 -56.45
N VAL D 159 6.95 -21.46 -56.42
CA VAL D 159 6.29 -20.96 -57.61
C VAL D 159 6.84 -19.58 -58.01
N LYS D 160 7.10 -18.72 -57.02
CA LYS D 160 7.68 -17.40 -57.32
C LYS D 160 8.75 -17.00 -56.31
N TYR D 161 9.57 -16.04 -56.71
CA TYR D 161 10.56 -15.46 -55.83
C TYR D 161 10.45 -13.95 -55.87
N ILE D 162 10.32 -13.34 -54.68
CA ILE D 162 10.11 -11.90 -54.55
C ILE D 162 11.00 -11.30 -53.45
N GLU D 163 11.62 -10.15 -53.75
CA GLU D 163 12.44 -9.41 -52.79
C GLU D 163 11.73 -8.14 -52.34
N CYS D 164 11.85 -7.82 -51.05
CA CYS D 164 11.12 -6.68 -50.51
C CYS D 164 11.72 -6.12 -49.22
N SER D 165 11.21 -4.96 -48.84
CA SER D 165 11.55 -4.33 -47.58
C SER D 165 10.29 -3.89 -46.87
N ALA D 166 10.11 -4.34 -45.64
CA ALA D 166 8.95 -3.89 -44.87
C ALA D 166 9.22 -2.46 -44.40
N LYS D 167 10.50 -2.13 -44.22
CA LYS D 167 10.87 -0.81 -43.73
C LYS D 167 10.46 0.30 -44.72
N THR D 168 10.79 0.14 -46.00
CA THR D 168 10.51 1.16 -47.02
C THR D 168 9.25 0.83 -47.80
N SER D 169 8.79 -0.41 -47.66
CA SER D 169 7.62 -0.93 -48.38
C SER D 169 7.92 -1.24 -49.85
N GLU D 170 9.20 -1.22 -50.22
CA GLU D 170 9.59 -1.56 -51.60
C GLU D 170 9.22 -3.01 -51.94
N ASN D 171 8.36 -3.16 -52.95
CA ASN D 171 7.86 -4.46 -53.39
C ASN D 171 7.01 -5.17 -52.36
N LEU D 172 6.62 -4.46 -51.32
CA LEU D 172 5.89 -5.10 -50.24
C LEU D 172 4.55 -5.60 -50.73
N LYS D 173 3.78 -4.72 -51.32
CA LYS D 173 2.46 -5.10 -51.80
C LYS D 173 2.60 -6.24 -52.80
N THR D 174 3.71 -6.24 -53.56
CA THR D 174 3.95 -7.24 -54.60
C THR D 174 3.91 -8.68 -54.07
N VAL D 175 4.55 -8.88 -52.93
CA VAL D 175 4.60 -10.18 -52.27
C VAL D 175 3.21 -10.78 -52.05
N PHE D 176 2.29 -9.97 -51.59
CA PHE D 176 0.93 -10.43 -51.28
C PHE D 176 -0.02 -10.45 -52.48
N ASP D 177 0.13 -9.52 -53.42
CA ASP D 177 -0.67 -9.57 -54.65
C ASP D 177 -0.41 -10.90 -55.36
N GLU D 178 0.88 -11.23 -55.46
CA GLU D 178 1.28 -12.44 -56.14
C GLU D 178 0.86 -13.69 -55.37
N ALA D 179 0.88 -13.61 -54.03
CA ALA D 179 0.46 -14.73 -53.21
C ALA D 179 -1.00 -15.01 -53.45
N VAL D 180 -1.81 -13.96 -53.45
CA VAL D 180 -3.23 -14.08 -53.75
C VAL D 180 -3.43 -14.62 -55.18
N LYS D 181 -2.61 -14.13 -56.11
CA LYS D 181 -2.73 -14.56 -57.50
C LYS D 181 -2.44 -16.05 -57.64
N THR D 182 -1.33 -16.48 -57.03
CA THR D 182 -0.93 -17.89 -57.02
C THR D 182 -2.02 -18.82 -56.50
N VAL D 183 -2.68 -18.41 -55.42
CA VAL D 183 -3.74 -19.21 -54.83
C VAL D 183 -4.93 -19.24 -55.76
N LEU D 184 -5.25 -18.09 -56.34
CA LEU D 184 -6.39 -17.98 -57.25
C LEU D 184 -6.19 -18.80 -58.53
N MET D 185 -4.94 -19.05 -58.88
CA MET D 185 -4.63 -19.91 -60.02
C MET D 185 -4.96 -21.36 -59.69
N ASN D 186 -4.62 -21.78 -58.47
CA ASN D 186 -4.80 -23.16 -58.04
C ASN D 186 -6.25 -23.55 -57.82
N GLU E 4 23.48 3.80 0.28
CA GLU E 4 23.26 2.80 1.31
C GLU E 4 22.33 3.32 2.39
N LEU E 5 21.72 4.48 2.16
CA LEU E 5 20.77 4.97 3.12
C LEU E 5 19.51 4.09 3.12
N ILE E 6 18.94 3.87 4.30
CA ILE E 6 17.74 3.07 4.40
C ILE E 6 16.53 3.97 4.48
N ILE E 7 15.71 3.91 3.45
CA ILE E 7 14.53 4.76 3.35
C ILE E 7 13.28 4.02 3.84
N SER E 8 12.63 4.58 4.86
CA SER E 8 11.41 3.98 5.35
C SER E 8 10.25 4.21 4.39
N ASP E 9 9.20 3.45 4.60
CA ASP E 9 7.91 3.76 4.02
C ASP E 9 7.46 5.08 4.62
N PRO E 10 6.61 5.79 3.90
CA PRO E 10 6.05 7.07 4.35
C PRO E 10 5.02 6.93 5.47
N THR E 11 4.99 7.95 6.35
CA THR E 11 3.97 8.09 7.37
C THR E 11 3.47 9.56 7.40
N ASP E 12 2.41 9.81 8.18
CA ASP E 12 1.95 11.16 8.43
C ASP E 12 1.50 11.84 7.14
N PHE E 13 0.78 11.10 6.31
CA PHE E 13 0.24 11.66 5.07
C PHE E 13 -0.68 12.85 5.34
N GLU E 14 -0.44 13.97 4.66
CA GLU E 14 -1.31 15.13 4.74
C GLU E 14 -1.45 15.80 3.39
N GLN E 15 -2.68 16.14 3.00
CA GLN E 15 -2.89 16.87 1.74
C GLN E 15 -2.98 18.36 2.02
N ILE E 16 -1.99 19.09 1.53
CA ILE E 16 -1.83 20.50 1.85
C ILE E 16 -2.74 21.42 1.05
N THR E 17 -2.78 21.19 -0.25
CA THR E 17 -3.53 22.05 -1.13
C THR E 17 -4.26 21.17 -2.12
N HIS E 18 -5.45 21.57 -2.50
CA HIS E 18 -6.19 20.82 -3.47
C HIS E 18 -6.96 21.78 -4.35
N VAL E 19 -6.93 21.53 -5.66
CA VAL E 19 -7.66 22.33 -6.63
C VAL E 19 -8.39 21.39 -7.57
N GLU E 20 -9.65 21.69 -7.85
CA GLU E 20 -10.41 20.87 -8.79
C GLU E 20 -11.24 21.74 -9.71
N LEU E 21 -11.62 21.18 -10.86
CA LEU E 21 -12.41 21.94 -11.84
C LEU E 21 -13.90 21.73 -11.67
N GLY E 22 -14.60 22.76 -11.22
CA GLY E 22 -16.04 22.63 -11.07
C GLY E 22 -16.72 23.16 -12.31
N ASP E 23 -18.04 23.12 -12.33
CA ASP E 23 -18.82 23.63 -13.46
C ASP E 23 -18.82 25.17 -13.45
N SER E 24 -18.42 25.72 -12.31
CA SER E 24 -18.37 27.18 -12.13
C SER E 24 -16.96 27.65 -11.79
N GLY E 25 -15.97 27.17 -12.54
CA GLY E 25 -14.58 27.56 -12.35
C GLY E 25 -13.81 26.65 -11.41
N LEU E 26 -12.60 27.05 -11.03
CA LEU E 26 -11.79 26.25 -10.11
C LEU E 26 -12.20 26.49 -8.66
N THR E 27 -12.24 25.43 -7.86
CA THR E 27 -12.35 25.59 -6.42
C THR E 27 -11.28 24.74 -5.76
N GLY E 28 -11.07 24.94 -4.47
CA GLY E 28 -10.09 24.14 -3.78
C GLY E 28 -9.97 24.38 -2.31
N PHE E 29 -9.11 23.61 -1.65
CA PHE E 29 -8.81 23.87 -0.26
C PHE E 29 -7.31 23.98 -0.04
N PRO E 30 -6.88 24.74 0.97
CA PRO E 30 -7.66 25.57 1.92
C PRO E 30 -8.28 26.77 1.17
N PRO E 31 -9.13 27.56 1.85
CA PRO E 31 -9.78 28.67 1.14
C PRO E 31 -8.81 29.64 0.47
N GLU E 32 -7.59 29.73 0.98
CA GLU E 32 -6.62 30.64 0.40
C GLU E 32 -5.69 29.94 -0.60
N TRP E 33 -6.22 28.90 -1.24
CA TRP E 33 -5.41 28.12 -2.18
C TRP E 33 -4.78 28.99 -3.28
N ARG E 34 -5.51 29.97 -3.79
CA ARG E 34 -4.98 30.81 -4.85
C ARG E 34 -3.72 31.56 -4.41
N GLU E 35 -3.74 32.08 -3.19
CA GLU E 35 -2.57 32.73 -2.62
C GLU E 35 -1.42 31.73 -2.51
N LYS E 36 -1.74 30.50 -2.14
CA LYS E 36 -0.73 29.45 -2.01
C LYS E 36 -0.07 29.09 -3.34
N LEU E 37 -0.86 29.02 -4.41
CA LEU E 37 -0.34 28.74 -5.75
C LEU E 37 0.61 29.83 -6.23
N ILE E 38 0.14 31.07 -6.17
CA ILE E 38 0.94 32.19 -6.64
C ILE E 38 2.20 32.35 -5.79
N LYS E 39 2.06 32.25 -4.46
CA LYS E 39 3.23 32.29 -3.59
C LYS E 39 4.18 31.14 -3.90
N ALA E 40 3.65 29.98 -4.23
CA ALA E 40 4.49 28.84 -4.60
C ALA E 40 5.27 29.12 -5.87
N GLY E 41 4.64 29.78 -6.84
CA GLY E 41 5.29 30.11 -8.09
C GLY E 41 6.41 31.15 -7.96
N LEU E 42 6.46 31.81 -6.82
CA LEU E 42 7.46 32.84 -6.53
C LEU E 42 8.77 32.21 -6.06
N THR E 43 9.90 32.84 -6.37
CA THR E 43 11.21 32.29 -6.00
C THR E 43 12.00 33.25 -5.11
N LEU F 5 22.00 -8.10 8.99
CA LEU F 5 21.60 -8.36 7.61
C LEU F 5 20.62 -7.30 7.07
N ILE F 6 20.72 -7.03 5.77
CA ILE F 6 19.78 -6.13 5.10
C ILE F 6 18.74 -6.92 4.31
N ILE F 7 17.48 -6.78 4.71
CA ILE F 7 16.36 -7.51 4.11
C ILE F 7 15.67 -6.68 3.05
N SER F 8 15.52 -7.22 1.84
CA SER F 8 14.84 -6.48 0.77
C SER F 8 13.35 -6.35 1.01
N ASP F 9 12.72 -5.57 0.14
CA ASP F 9 11.27 -5.54 0.00
C ASP F 9 10.82 -6.89 -0.58
N PRO F 10 9.59 -7.32 -0.27
CA PRO F 10 9.12 -8.60 -0.80
C PRO F 10 8.68 -8.52 -2.26
N THR F 11 8.98 -9.54 -3.07
CA THR F 11 8.51 -9.56 -4.46
C THR F 11 7.88 -10.92 -4.78
N ASP F 12 7.24 -11.01 -5.95
CA ASP F 12 6.71 -12.26 -6.45
C ASP F 12 5.66 -12.85 -5.51
N PHE F 13 4.81 -11.95 -5.04
CA PHE F 13 3.68 -12.32 -4.21
C PHE F 13 2.81 -13.31 -4.96
N GLU F 14 2.47 -14.41 -4.30
CA GLU F 14 1.52 -15.36 -4.83
C GLU F 14 0.65 -15.88 -3.69
N GLN F 15 -0.65 -16.01 -3.95
CA GLN F 15 -1.54 -16.66 -3.00
C GLN F 15 -1.64 -18.15 -3.36
N ILE F 16 -1.13 -19.01 -2.48
CA ILE F 16 -1.01 -20.44 -2.70
C ILE F 16 -2.30 -21.22 -2.42
N THR F 17 -2.92 -20.96 -1.28
CA THR F 17 -4.13 -21.68 -0.85
C THR F 17 -5.09 -20.65 -0.26
N HIS F 18 -6.38 -20.87 -0.49
CA HIS F 18 -7.40 -19.99 0.04
C HIS F 18 -8.59 -20.82 0.45
N VAL F 19 -9.17 -20.53 1.61
CA VAL F 19 -10.38 -21.23 2.07
C VAL F 19 -11.33 -20.16 2.57
N GLU F 20 -12.59 -20.21 2.17
CA GLU F 20 -13.57 -19.25 2.66
C GLU F 20 -14.85 -19.97 3.03
N LEU F 21 -15.67 -19.33 3.86
CA LEU F 21 -16.93 -19.92 4.32
C LEU F 21 -18.07 -19.48 3.44
N GLY F 22 -18.68 -20.43 2.73
CA GLY F 22 -19.81 -20.15 1.86
C GLY F 22 -21.14 -20.40 2.55
N LEU F 26 -17.60 -24.98 3.23
CA LEU F 26 -16.32 -24.38 2.87
C LEU F 26 -15.99 -24.60 1.41
N THR F 27 -15.42 -23.56 0.80
CA THR F 27 -14.87 -23.60 -0.54
C THR F 27 -13.47 -22.98 -0.58
N GLY F 28 -12.75 -23.16 -1.68
CA GLY F 28 -11.42 -22.60 -1.79
C GLY F 28 -10.74 -22.89 -3.11
N PHE F 29 -9.52 -22.38 -3.25
CA PHE F 29 -8.63 -22.76 -4.35
C PHE F 29 -7.21 -23.11 -3.85
N PRO F 30 -6.48 -23.98 -4.57
CA PRO F 30 -6.83 -24.75 -5.77
C PRO F 30 -7.87 -25.81 -5.41
N PRO F 31 -8.43 -26.53 -6.40
CA PRO F 31 -9.47 -27.50 -6.08
C PRO F 31 -9.04 -28.60 -5.09
N GLU F 32 -7.75 -28.89 -4.98
CA GLU F 32 -7.30 -29.89 -4.03
C GLU F 32 -6.89 -29.24 -2.70
N TRP F 33 -7.51 -28.12 -2.37
CA TRP F 33 -7.11 -27.43 -1.15
C TRP F 33 -7.25 -28.30 0.11
N ARG F 34 -8.29 -29.12 0.16
CA ARG F 34 -8.49 -30.01 1.30
C ARG F 34 -7.32 -30.97 1.47
N GLU F 35 -6.83 -31.50 0.34
CA GLU F 35 -5.66 -32.37 0.34
C GLU F 35 -4.47 -31.59 0.87
N LYS F 36 -4.39 -30.33 0.48
CA LYS F 36 -3.31 -29.44 0.91
C LYS F 36 -3.37 -29.12 2.41
N LEU F 37 -4.56 -28.85 2.95
CA LEU F 37 -4.72 -28.58 4.38
C LEU F 37 -4.30 -29.79 5.23
N ILE F 38 -4.85 -30.96 4.88
CA ILE F 38 -4.58 -32.19 5.61
C ILE F 38 -3.10 -32.57 5.51
N LYS F 39 -2.54 -32.46 4.32
CA LYS F 39 -1.12 -32.74 4.13
C LYS F 39 -0.26 -31.77 4.93
N ALA F 40 -0.72 -30.52 5.06
CA ALA F 40 0.01 -29.51 5.82
C ALA F 40 0.05 -29.88 7.30
N GLY F 41 -1.05 -30.42 7.81
CA GLY F 41 -1.11 -30.84 9.20
C GLY F 41 -0.23 -32.04 9.49
N LEU F 42 0.22 -32.73 8.43
CA LEU F 42 1.07 -33.92 8.55
C LEU F 42 2.54 -33.55 8.74
N SER G 1 -32.35 18.95 51.11
CA SER G 1 -31.00 19.49 51.03
C SER G 1 -30.30 19.40 52.37
N ASN G 2 -30.10 18.18 52.86
CA ASN G 2 -29.57 18.00 54.21
C ASN G 2 -28.54 16.89 54.17
N ALA G 3 -27.72 16.79 55.21
CA ALA G 3 -26.69 15.75 55.27
C ALA G 3 -27.31 14.40 55.66
N GLU G 4 -28.63 14.31 55.51
CA GLU G 4 -29.39 13.14 55.90
C GLU G 4 -30.04 12.46 54.70
N LEU G 5 -29.71 12.98 53.52
CA LEU G 5 -30.17 12.41 52.25
C LEU G 5 -29.43 11.11 51.96
N ILE G 6 -30.12 10.19 51.29
CA ILE G 6 -29.49 8.94 50.86
C ILE G 6 -29.03 9.10 49.42
N ILE G 7 -27.72 8.94 49.21
CA ILE G 7 -27.11 9.12 47.90
C ILE G 7 -27.01 7.81 47.13
N SER G 8 -27.66 7.75 45.97
CA SER G 8 -27.65 6.53 45.16
C SER G 8 -26.29 6.28 44.54
N ASP G 9 -26.12 5.09 43.98
CA ASP G 9 -24.95 4.77 43.17
C ASP G 9 -24.99 5.59 41.88
N PRO G 10 -23.81 5.90 41.31
CA PRO G 10 -23.74 6.68 40.06
C PRO G 10 -24.09 5.84 38.85
N THR G 11 -24.83 6.41 37.90
CA THR G 11 -25.12 5.71 36.65
C THR G 11 -24.95 6.64 35.45
N ASP G 12 -25.00 6.06 34.26
CA ASP G 12 -24.99 6.80 33.01
C ASP G 12 -23.69 7.57 32.84
N PHE G 13 -22.59 6.92 33.21
CA PHE G 13 -21.28 7.50 33.07
C PHE G 13 -20.93 7.84 31.65
N GLU G 14 -20.56 9.10 31.44
CA GLU G 14 -20.15 9.55 30.14
C GLU G 14 -18.98 10.50 30.28
N GLN G 15 -18.01 10.32 29.40
CA GLN G 15 -16.87 11.23 29.27
C GLN G 15 -17.19 12.30 28.21
N ILE G 16 -17.29 13.54 28.65
CA ILE G 16 -17.72 14.65 27.81
C ILE G 16 -16.58 15.20 26.94
N THR G 17 -15.43 15.39 27.57
CA THR G 17 -14.29 15.99 26.91
C THR G 17 -13.05 15.22 27.30
N HIS G 18 -12.13 15.10 26.35
CA HIS G 18 -10.88 14.44 26.63
C HIS G 18 -9.81 15.17 25.86
N VAL G 19 -8.70 15.45 26.50
CA VAL G 19 -7.59 16.09 25.84
C VAL G 19 -6.36 15.31 26.17
N GLU G 20 -5.56 14.99 25.15
CA GLU G 20 -4.32 14.29 25.43
C GLU G 20 -3.13 14.83 24.65
N LEU G 21 -1.94 14.50 25.11
CA LEU G 21 -0.74 14.99 24.47
C LEU G 21 -0.36 14.00 23.38
N GLY G 22 -0.44 14.48 22.14
CA GLY G 22 -0.11 13.67 20.98
C GLY G 22 1.34 13.92 20.63
N ASP G 23 1.80 13.30 19.54
CA ASP G 23 3.19 13.44 19.13
C ASP G 23 3.46 14.82 18.55
N SER G 24 2.40 15.49 18.11
CA SER G 24 2.54 16.84 17.53
C SER G 24 1.63 17.85 18.25
N GLY G 25 1.68 17.83 19.58
CA GLY G 25 0.86 18.75 20.37
C GLY G 25 -0.41 18.10 20.87
N LEU G 26 -1.33 18.92 21.38
CA LEU G 26 -2.57 18.43 21.97
C LEU G 26 -3.62 18.04 20.95
N THR G 27 -4.32 16.95 21.24
CA THR G 27 -5.50 16.54 20.48
C THR G 27 -6.58 16.21 21.49
N GLY G 28 -7.80 15.95 21.03
CA GLY G 28 -8.86 15.55 21.93
C GLY G 28 -10.18 15.24 21.25
N PHE G 29 -11.18 14.85 22.04
CA PHE G 29 -12.54 14.77 21.53
C PHE G 29 -13.44 15.51 22.52
N PRO G 30 -14.56 16.08 22.04
CA PRO G 30 -15.04 16.12 20.66
C PRO G 30 -14.12 16.98 19.79
N PRO G 31 -14.33 16.97 18.48
CA PRO G 31 -13.44 17.76 17.61
C PRO G 31 -13.38 19.25 17.94
N GLU G 32 -14.43 19.79 18.54
CA GLU G 32 -14.46 21.21 18.91
C GLU G 32 -14.05 21.43 20.39
N TRP G 33 -13.20 20.55 20.92
CA TRP G 33 -12.80 20.59 22.31
C TRP G 33 -12.17 21.90 22.75
N ARG G 34 -11.37 22.50 21.87
CA ARG G 34 -10.71 23.78 22.17
C ARG G 34 -11.71 24.88 22.46
N GLU G 35 -12.77 24.92 21.66
CA GLU G 35 -13.84 25.88 21.91
C GLU G 35 -14.50 25.60 23.26
N LYS G 36 -14.66 24.33 23.60
CA LYS G 36 -15.30 23.96 24.86
C LYS G 36 -14.48 24.36 26.09
N LEU G 37 -13.17 24.18 26.03
CA LEU G 37 -12.32 24.57 27.16
C LEU G 37 -12.42 26.07 27.34
N ILE G 38 -12.25 26.81 26.24
CA ILE G 38 -12.26 28.26 26.31
C ILE G 38 -13.61 28.79 26.79
N LYS G 39 -14.70 28.25 26.25
CA LYS G 39 -16.02 28.63 26.72
C LYS G 39 -16.19 28.33 28.20
N ALA G 40 -15.61 27.22 28.64
CA ALA G 40 -15.71 26.78 30.02
C ALA G 40 -15.04 27.78 30.95
N GLY G 41 -13.91 28.31 30.52
CA GLY G 41 -13.20 29.29 31.32
C GLY G 41 -13.90 30.63 31.47
N LEU G 42 -14.91 30.89 30.66
CA LEU G 42 -15.58 32.20 30.64
C LEU G 42 -16.51 32.33 31.84
N THR G 43 -16.64 33.58 32.33
CA THR G 43 -17.34 34.00 33.58
C THR G 43 -17.10 33.03 34.73
N ASN H 2 -7.31 -15.28 -61.79
CA ASN H 2 -6.25 -15.10 -62.78
C ASN H 2 -5.19 -14.09 -62.33
N ALA H 3 -3.98 -14.22 -62.91
CA ALA H 3 -2.83 -13.39 -62.54
C ALA H 3 -2.83 -12.01 -63.18
N GLU H 4 -3.98 -11.60 -63.69
CA GLU H 4 -4.11 -10.31 -64.34
C GLU H 4 -5.10 -9.49 -63.54
N LEU H 5 -5.57 -10.07 -62.44
CA LEU H 5 -6.46 -9.38 -61.53
C LEU H 5 -5.68 -8.31 -60.82
N ILE H 6 -6.39 -7.23 -60.50
CA ILE H 6 -5.81 -6.14 -59.73
C ILE H 6 -6.24 -6.31 -58.29
N ILE H 7 -5.24 -6.47 -57.41
CA ILE H 7 -5.49 -6.69 -55.99
C ILE H 7 -5.46 -5.36 -55.24
N SER H 8 -6.54 -5.05 -54.53
CA SER H 8 -6.64 -3.80 -53.80
C SER H 8 -5.69 -3.77 -52.62
N ASP H 9 -5.57 -2.61 -51.98
CA ASP H 9 -4.87 -2.50 -50.71
C ASP H 9 -5.66 -3.29 -49.64
N PRO H 10 -4.96 -3.79 -48.62
CA PRO H 10 -5.65 -4.50 -47.53
C PRO H 10 -6.35 -3.52 -46.61
N THR H 11 -7.54 -3.89 -46.15
CA THR H 11 -8.28 -3.08 -45.18
C THR H 11 -8.85 -3.92 -44.02
N ASP H 12 -9.36 -3.24 -43.00
CA ASP H 12 -10.02 -3.88 -41.85
C ASP H 12 -9.07 -4.85 -41.15
N PHE H 13 -7.83 -4.43 -40.95
CA PHE H 13 -6.86 -5.26 -40.25
C PHE H 13 -7.36 -5.59 -38.86
N GLU H 14 -7.34 -6.88 -38.54
CA GLU H 14 -7.77 -7.37 -37.25
C GLU H 14 -6.86 -8.48 -36.77
N GLN H 15 -6.49 -8.43 -35.50
CA GLN H 15 -5.73 -9.50 -34.86
C GLN H 15 -6.64 -10.48 -34.12
N ILE H 16 -6.69 -11.72 -34.62
CA ILE H 16 -7.60 -12.74 -34.13
C ILE H 16 -7.11 -13.44 -32.86
N THR H 17 -5.84 -13.83 -32.87
CA THR H 17 -5.25 -14.61 -31.81
C THR H 17 -3.88 -14.04 -31.53
N HIS H 18 -3.49 -14.02 -30.27
CA HIS H 18 -2.15 -13.60 -29.93
C HIS H 18 -1.73 -14.44 -28.75
N VAL H 19 -0.52 -14.97 -28.81
CA VAL H 19 0.05 -15.74 -27.73
C VAL H 19 1.40 -15.14 -27.43
N GLU H 20 1.69 -14.90 -26.17
CA GLU H 20 3.03 -14.41 -25.84
C GLU H 20 3.57 -15.14 -24.61
N LEU H 21 4.88 -15.02 -24.42
CA LEU H 21 5.53 -15.71 -23.32
C LEU H 21 5.58 -14.84 -22.06
N GLY H 22 4.82 -15.25 -21.04
CA GLY H 22 4.79 -14.58 -19.75
C GLY H 22 5.69 -15.27 -18.75
N ASP H 23 5.68 -14.79 -17.51
CA ASP H 23 6.50 -15.40 -16.44
C ASP H 23 5.93 -16.72 -15.93
N SER H 24 4.66 -16.96 -16.21
CA SER H 24 4.00 -18.17 -15.74
C SER H 24 3.48 -18.94 -16.94
N GLY H 25 4.33 -19.05 -17.96
CA GLY H 25 3.95 -19.78 -19.16
C GLY H 25 3.38 -18.87 -20.22
N LEU H 26 2.75 -19.49 -21.21
CA LEU H 26 2.17 -18.75 -22.31
C LEU H 26 0.86 -18.13 -21.84
N THR H 27 0.55 -16.92 -22.31
CA THR H 27 -0.76 -16.33 -22.08
C THR H 27 -1.20 -15.86 -23.43
N GLY H 28 -2.44 -15.44 -23.55
CA GLY H 28 -2.88 -14.94 -24.82
C GLY H 28 -4.29 -14.43 -24.81
N PHE H 29 -4.73 -13.94 -25.96
CA PHE H 29 -6.12 -13.63 -26.16
C PHE H 29 -6.50 -14.25 -27.51
N PRO H 30 -7.78 -14.61 -27.69
CA PRO H 30 -8.88 -14.52 -26.72
C PRO H 30 -8.66 -15.44 -25.53
N PRO H 31 -9.49 -15.34 -24.48
CA PRO H 31 -9.19 -16.22 -23.34
C PRO H 31 -9.19 -17.70 -23.72
N GLU H 32 -9.89 -18.08 -24.78
CA GLU H 32 -9.92 -19.48 -25.21
C GLU H 32 -8.87 -19.78 -26.30
N TRP H 33 -7.76 -19.06 -26.29
CA TRP H 33 -6.74 -19.21 -27.32
C TRP H 33 -6.17 -20.64 -27.43
N ARG H 34 -6.02 -21.32 -26.30
CA ARG H 34 -5.51 -22.70 -26.29
C ARG H 34 -6.42 -23.62 -27.08
N GLU H 35 -7.71 -23.43 -26.88
CA GLU H 35 -8.70 -24.19 -27.61
C GLU H 35 -8.60 -23.89 -29.11
N LYS H 36 -8.38 -22.63 -29.45
CA LYS H 36 -8.31 -22.26 -30.86
C LYS H 36 -7.09 -22.85 -31.59
N LEU H 37 -5.93 -22.84 -30.93
CA LEU H 37 -4.73 -23.40 -31.57
C LEU H 37 -4.94 -24.87 -31.88
N ILE H 38 -5.39 -25.59 -30.86
CA ILE H 38 -5.60 -27.00 -30.97
C ILE H 38 -6.64 -27.35 -32.02
N LYS H 39 -7.77 -26.64 -31.99
CA LYS H 39 -8.84 -26.81 -32.96
C LYS H 39 -8.37 -26.50 -34.40
N ALA H 40 -7.51 -25.48 -34.53
CA ALA H 40 -6.95 -25.09 -35.82
C ALA H 40 -6.03 -26.17 -36.39
N GLY H 41 -5.27 -26.82 -35.52
CA GLY H 41 -4.40 -27.91 -35.92
C GLY H 41 -5.14 -29.17 -36.36
N LEU H 42 -6.43 -29.25 -36.07
CA LEU H 42 -7.22 -30.42 -36.42
C LEU H 42 -7.61 -30.38 -37.90
N THR H 43 -7.80 -31.56 -38.50
CA THR H 43 -8.23 -31.66 -39.91
C THR H 43 -9.31 -32.74 -40.09
PG GTP I . -3.81 13.33 -14.85
O1G GTP I . -2.64 14.00 -15.53
O2G GTP I . -5.01 13.65 -15.70
O3G GTP I . -3.99 13.85 -13.43
O3B GTP I . -3.62 11.72 -14.91
PB GTP I . -2.65 10.79 -14.02
O1B GTP I . -2.56 11.22 -12.56
O2B GTP I . -1.27 10.66 -14.64
O3A GTP I . -3.37 9.37 -14.08
PA GTP I . -3.94 8.57 -12.82
O1A GTP I . -5.16 9.32 -12.28
O2A GTP I . -2.98 8.29 -11.69
O5' GTP I . -4.41 7.19 -13.50
C5' GTP I . -4.92 7.14 -14.83
C4' GTP I . -5.68 5.82 -15.00
O4' GTP I . -4.72 4.80 -15.23
C3' GTP I . -6.46 5.49 -13.74
O3' GTP I . -7.75 5.01 -14.02
C2' GTP I . -5.71 4.34 -13.14
O2' GTP I . -6.64 3.45 -12.58
C1' GTP I . -4.89 3.77 -14.29
N9 GTP I . -3.62 3.40 -13.68
C8 GTP I . -2.79 4.20 -12.91
N7 GTP I . -1.73 3.46 -12.50
C5 GTP I . -1.86 2.20 -13.00
C6 GTP I . -1.08 1.04 -12.90
O6 GTP I . -0.02 1.04 -12.27
N1 GTP I . -1.52 -0.09 -13.52
C2 GTP I . -2.69 -0.10 -14.24
N2 GTP I . -3.10 -1.20 -14.85
N3 GTP I . -3.46 1.04 -14.35
C4 GTP I . -3.06 2.16 -13.73
MG MG J . -3.58 12.84 -11.87
MG MG K . 0.74 23.71 -24.66
MG MG L . 17.32 24.90 -12.04
PG GTP M . -9.47 -12.60 11.52
O1G GTP M . -8.62 -13.32 12.54
O2G GTP M . -10.91 -12.78 11.89
O3G GTP M . -9.24 -13.16 10.13
O3B GTP M . -9.15 -11.03 11.56
PB GTP M . -7.73 -10.30 11.34
O1B GTP M . -6.99 -10.82 10.14
O2B GTP M . -6.90 -10.28 12.61
O3A GTP M . -8.26 -8.80 11.11
PA GTP M . -7.95 -7.92 9.80
O1A GTP M . -8.80 -8.41 8.66
O2A GTP M . -6.50 -7.91 9.41
O5' GTP M . -8.42 -6.45 10.27
C5' GTP M . -9.42 -6.23 11.22
C4' GTP M . -9.97 -4.82 11.03
O4' GTP M . -9.07 -3.95 11.67
C3' GTP M . -10.03 -4.43 9.56
O3' GTP M . -11.15 -3.62 9.35
C2' GTP M . -8.83 -3.53 9.40
O2' GTP M . -9.03 -2.51 8.45
C1' GTP M . -8.61 -2.96 10.79
N9 GTP M . -7.15 -2.80 10.85
C8 GTP M . -6.21 -3.73 10.53
N7 GTP M . -4.99 -3.18 10.67
C5 GTP M . -5.14 -1.90 11.08
C6 GTP M . -4.22 -0.89 11.38
O6 GTP M . -3.01 -1.10 11.29
N1 GTP M . -4.69 0.34 11.77
C2 GTP M . -6.04 0.57 11.86
N2 GTP M . -6.50 1.75 12.23
N3 GTP M . -6.94 -0.44 11.57
C4 GTP M . -6.49 -1.65 11.19
MG MG N . -7.82 -12.34 8.88
MG MG O . -11.41 -23.22 22.09
MG MG P . 8.68 -27.19 18.34
PG GTP Q . -2.27 13.15 37.14
O1G GTP Q . -2.25 14.45 37.89
O2G GTP Q . -0.96 13.11 36.39
O3G GTP Q . -3.48 13.02 36.23
O3B GTP Q . -2.35 11.90 38.16
PB GTP Q . -3.65 11.33 38.91
O1B GTP Q . -4.95 11.32 38.13
O2B GTP Q . -3.81 12.14 40.18
O3A GTP Q . -3.22 9.80 39.21
PA GTP Q . -4.07 8.49 38.78
O1A GTP Q . -3.92 8.19 37.30
O2A GTP Q . -5.54 8.48 39.18
O5' GTP Q . -3.27 7.31 39.54
C5' GTP Q . -1.94 7.50 39.99
C4' GTP Q . -1.32 6.10 40.14
O4' GTP Q . -1.59 5.60 41.45
C3' GTP Q . -1.94 5.14 39.15
O3' GTP Q . -0.92 4.34 38.63
C2' GTP Q . -2.88 4.28 39.98
O2' GTP Q . -2.84 2.94 39.54
C1' GTP Q . -2.42 4.45 41.42
N9 GTP Q . -3.58 4.63 42.33
C8 GTP Q . -4.57 5.57 42.25
N7 GTP Q . -5.45 5.37 43.27
C5 GTP Q . -5.03 4.32 44.01
C6 GTP Q . -5.55 3.70 45.13
O6 GTP Q . -6.59 4.11 45.65
N1 GTP Q . -4.88 2.61 45.67
C2 GTP Q . -3.72 2.16 45.08
N2 GTP Q . -3.07 1.11 45.56
N3 GTP Q . -3.22 2.78 43.96
C4 GTP Q . -3.86 3.84 43.42
MG MG R . -5.13 12.20 36.25
MG MG S . 3.37 26.84 38.33
MG MG T . -15.73 32.06 44.60
PG GTP U . 10.37 -14.04 -35.12
O1G GTP U . 10.07 -15.26 -35.96
O2G GTP U . 11.36 -14.43 -34.03
O3G GTP U . 9.12 -13.41 -34.56
O3B GTP U . 11.10 -12.94 -36.06
PB GTP U . 10.41 -12.16 -37.27
O1B GTP U . 8.92 -11.88 -37.14
O2B GTP U . 10.68 -12.88 -38.58
O3A GTP U . 11.23 -10.78 -37.22
PA GTP U . 10.54 -9.34 -37.17
O1A GTP U . 9.96 -9.11 -35.79
O2A GTP U . 9.49 -9.15 -38.24
O5' GTP U . 11.80 -8.37 -37.34
C5' GTP U . 13.03 -8.61 -36.69
C4' GTP U . 13.87 -7.32 -36.82
O4' GTP U . 14.15 -7.08 -38.19
C3' GTP U . 13.12 -6.10 -36.29
O3' GTP U . 13.96 -5.33 -35.45
C2' GTP U . 12.78 -5.30 -37.54
O2' GTP U . 12.85 -3.92 -37.26
C1' GTP U . 13.81 -5.75 -38.56
N9 GTP U . 13.23 -5.70 -39.90
C8 GTP U . 12.11 -6.35 -40.36
N7 GTP U . 11.90 -6.02 -41.66
C5 GTP U . 12.88 -5.17 -42.04
C6 GTP U . 13.16 -4.54 -43.27
O6 GTP U . 12.42 -4.71 -44.25
N1 GTP U . 14.25 -3.70 -43.35
C2 GTP U . 15.09 -3.50 -42.26
N2 GTP U . 16.14 -2.70 -42.34
N3 GTP U . 14.81 -4.13 -41.06
C4 GTP U . 13.72 -4.95 -40.95
MG MG V . 7.70 -12.87 -35.83
MG MG W . 14.01 -28.72 -34.04
MG MG X . 0.73 -30.68 -49.05
#